data_6UTA
#
_entry.id   6UTA
#
_cell.length_a   85.907
_cell.length_b   85.907
_cell.length_c   327.458
_cell.angle_alpha   90.000
_cell.angle_beta   90.000
_cell.angle_gamma   90.000
#
_symmetry.space_group_name_H-M   'P 43 21 2'
#
loop_
_entity.id
_entity.type
_entity.pdbx_description
1 polymer 'Z004 iGL Fab heavy chain'
2 polymer 'Z004 iGL Fab light chain'
3 polymer Env
#
loop_
_entity_poly.entity_id
_entity_poly.type
_entity_poly.pdbx_seq_one_letter_code
_entity_poly.pdbx_strand_id
1 'polypeptide(L)'
;EVQLLESGGGLVQPGGSLRLSCAASGFTFSSYAMSWVRQAPGKGLEWVSAISGSGGSTYYADSVKGRFTISRDNSKNTLY
LQMNSLRAEDTAVYYCAKDRGPRGVGELFDYWGQGTLVTVSSASTKGPSVFPLAPSSKSTSGGTAALGCLVKDYFPEPVT
VSWNSGALTSGVHTFPAVLQSSGLYSLSSVVTVPSSSLGTQTYICNVNHKPSNTKVDKRVEPKSCDKTHHHHHH
;
H,A
2 'polypeptide(L)'
;DIQMTQSPSTLSASVGDRVTITCRASQSISSWLAWYQQKPGKAPKLLIYKASSLESGVPSRFSGSGSGTEFTLTISSLQP
DDFATYYCQQYNSYPWTFGQGTKVEIKRTVAAPSVFIFPPSDEQLKSGTASVVCLLNNFYPREAKVQWKVDNALQSGNSQ
ESVTEQDSKDSTYSLSSTLTLSKADYEKHKVYACEVTHQGLSSPVTKSFNRGEC
;
L,B
3 'polypeptide(L)'
;MRLKGVSYSLCTAAFTFTKIPAETLHGTVTVEVQYAGTDGPCKVPAQMAVDMQTLTPVGRLITANPVITESTENSKMMLE
LDPPFGDSYIVIGVGEKKITHHWHRSGSTI
;
E,C
#
# COMPACT_ATOMS: atom_id res chain seq x y z
N GLU A 1 -26.24 -23.89 -15.63
CA GLU A 1 -26.03 -22.95 -16.75
C GLU A 1 -25.37 -21.72 -16.21
N VAL A 2 -24.81 -21.77 -15.01
CA VAL A 2 -24.18 -20.51 -14.54
C VAL A 2 -23.04 -20.27 -15.49
N GLN A 3 -23.16 -19.23 -16.27
CA GLN A 3 -22.09 -18.82 -17.20
C GLN A 3 -21.74 -17.39 -16.83
N LEU A 4 -20.47 -17.08 -16.67
CA LEU A 4 -20.01 -15.71 -16.37
C LEU A 4 -19.03 -15.33 -17.45
N LEU A 5 -19.08 -14.09 -17.90
CA LEU A 5 -18.19 -13.67 -19.00
C LEU A 5 -17.63 -12.31 -18.71
N GLU A 6 -16.38 -12.22 -18.34
CA GLU A 6 -15.75 -10.93 -18.12
C GLU A 6 -15.41 -10.28 -19.44
N SER A 7 -15.56 -8.96 -19.48
CA SER A 7 -15.17 -8.14 -20.58
C SER A 7 -14.65 -6.79 -20.16
N GLY A 8 -13.89 -6.13 -21.03
CA GLY A 8 -13.39 -4.81 -20.75
C GLY A 8 -11.95 -4.59 -20.31
N GLY A 9 -11.09 -5.61 -20.43
CA GLY A 9 -9.70 -5.50 -20.03
C GLY A 9 -8.77 -5.29 -21.22
N GLY A 10 -7.51 -5.03 -20.90
CA GLY A 10 -6.47 -4.80 -21.89
C GLY A 10 -5.33 -3.96 -21.33
N LEU A 11 -4.62 -3.27 -22.21
CA LEU A 11 -3.45 -2.46 -21.87
C LEU A 11 -3.80 -0.99 -21.63
N VAL A 12 -3.31 -0.43 -20.53
CA VAL A 12 -3.52 0.97 -20.16
C VAL A 12 -2.27 1.51 -19.48
N GLN A 13 -2.02 2.81 -19.67
CA GLN A 13 -0.84 3.43 -19.10
C GLN A 13 -0.99 3.60 -17.60
N PRO A 14 0.12 3.60 -16.85
CA PRO A 14 0.04 3.80 -15.39
C PRO A 14 -0.59 5.13 -15.05
N GLY A 15 -1.54 5.11 -14.12
CA GLY A 15 -2.29 6.27 -13.74
C GLY A 15 -3.60 6.44 -14.50
N GLY A 16 -3.82 5.68 -15.56
CA GLY A 16 -5.04 5.78 -16.34
C GLY A 16 -6.17 5.06 -15.65
N SER A 17 -7.21 4.77 -16.43
CA SER A 17 -8.42 4.13 -15.93
C SER A 17 -8.89 3.15 -16.99
N LEU A 18 -9.72 2.19 -16.55
CA LEU A 18 -10.34 1.18 -17.38
C LEU A 18 -11.46 0.61 -16.54
N ARG A 19 -12.51 0.15 -17.20
CA ARG A 19 -13.63 -0.45 -16.45
C ARG A 19 -13.94 -1.82 -17.05
N LEU A 20 -14.16 -2.80 -16.18
CA LEU A 20 -14.47 -4.17 -16.54
C LEU A 20 -15.97 -4.38 -16.41
N SER A 21 -16.47 -5.38 -17.11
CA SER A 21 -17.85 -5.79 -17.03
C SER A 21 -17.91 -7.30 -16.80
N CYS A 22 -19.09 -7.78 -16.39
CA CYS A 22 -19.28 -9.21 -16.16
C CYS A 22 -20.76 -9.52 -16.34
N ALA A 23 -21.08 -10.19 -17.45
CA ALA A 23 -22.47 -10.52 -17.76
C ALA A 23 -22.80 -11.88 -17.16
N ALA A 24 -23.54 -11.87 -16.05
CA ALA A 24 -24.00 -13.10 -15.42
C ALA A 24 -25.32 -13.52 -16.04
N SER A 25 -25.51 -14.83 -16.19
CA SER A 25 -26.64 -15.31 -16.97
C SER A 25 -27.47 -16.41 -16.32
N GLY A 26 -26.85 -17.30 -15.56
CA GLY A 26 -27.52 -18.54 -15.19
C GLY A 26 -28.17 -18.63 -13.83
N PHE A 27 -28.48 -17.49 -13.23
CA PHE A 27 -29.07 -17.50 -11.90
C PHE A 27 -29.76 -16.15 -11.67
N THR A 28 -30.53 -16.10 -10.58
CA THR A 28 -31.28 -14.88 -10.18
C THR A 28 -30.27 -13.85 -9.69
N PHE A 29 -29.73 -13.00 -10.54
CA PHE A 29 -28.72 -11.99 -10.10
C PHE A 29 -29.20 -11.17 -8.90
N SER A 30 -30.41 -10.61 -8.95
CA SER A 30 -30.93 -9.80 -7.82
C SER A 30 -30.97 -10.55 -6.48
N SER A 31 -30.31 -11.72 -6.36
CA SER A 31 -30.32 -12.43 -5.08
C SER A 31 -28.94 -12.87 -4.64
N TYR A 32 -27.94 -12.74 -5.50
CA TYR A 32 -26.61 -13.26 -5.10
C TYR A 32 -25.58 -12.16 -5.11
N ALA A 33 -24.57 -12.27 -4.26
CA ALA A 33 -23.49 -11.29 -4.14
C ALA A 33 -22.35 -11.69 -5.06
N MET A 34 -21.74 -10.74 -5.76
CA MET A 34 -20.64 -11.00 -6.70
C MET A 34 -19.37 -10.31 -6.21
N SER A 35 -18.19 -10.80 -6.57
CA SER A 35 -16.90 -10.27 -6.08
C SER A 35 -15.89 -10.19 -7.23
N TRP A 36 -14.76 -9.52 -7.03
CA TRP A 36 -13.72 -9.48 -8.08
C TRP A 36 -12.45 -9.98 -7.44
N VAL A 37 -11.85 -11.02 -8.02
CA VAL A 37 -10.61 -11.61 -7.55
C VAL A 37 -9.61 -11.56 -8.70
N ARG A 38 -8.38 -11.14 -8.41
CA ARG A 38 -7.34 -11.04 -9.43
C ARG A 38 -6.19 -11.99 -9.13
N GLN A 39 -5.43 -12.28 -10.17
CA GLN A 39 -4.32 -13.23 -10.11
C GLN A 39 -3.18 -12.67 -10.95
N ALA A 40 -2.09 -12.25 -10.30
CA ALA A 40 -0.94 -11.79 -11.04
C ALA A 40 -0.29 -12.95 -11.79
N PRO A 41 0.22 -12.72 -13.00
CA PRO A 41 0.75 -13.83 -13.79
C PRO A 41 1.94 -14.50 -13.12
N GLY A 42 1.76 -15.75 -12.71
CA GLY A 42 2.78 -16.49 -12.01
C GLY A 42 2.62 -16.52 -10.50
N LYS A 43 1.59 -15.86 -9.97
CA LYS A 43 1.38 -15.78 -8.54
C LYS A 43 -0.02 -16.25 -8.16
N GLY A 44 -0.41 -16.06 -6.91
CA GLY A 44 -1.65 -16.60 -6.40
C GLY A 44 -2.82 -15.65 -6.61
N LEU A 45 -3.91 -15.95 -5.91
CA LEU A 45 -5.16 -15.21 -6.01
C LEU A 45 -5.22 -14.14 -4.92
N GLU A 46 -5.49 -12.90 -5.29
CA GLU A 46 -5.62 -11.77 -4.35
C GLU A 46 -7.05 -11.31 -4.46
N TRP A 47 -7.68 -10.93 -3.37
CA TRP A 47 -9.10 -10.54 -3.43
C TRP A 47 -9.19 -9.05 -3.70
N VAL A 48 -9.98 -8.64 -4.67
CA VAL A 48 -10.02 -7.18 -4.98
C VAL A 48 -11.23 -6.53 -4.33
N SER A 49 -12.43 -6.90 -4.74
CA SER A 49 -13.61 -6.24 -4.18
C SER A 49 -14.82 -7.15 -4.30
N ALA A 50 -15.84 -6.84 -3.52
CA ALA A 50 -17.09 -7.62 -3.49
C ALA A 50 -18.21 -6.66 -3.22
N ILE A 51 -19.37 -6.92 -3.80
CA ILE A 51 -20.56 -6.06 -3.65
C ILE A 51 -21.74 -6.95 -3.30
N SER A 52 -22.76 -6.40 -2.68
CA SER A 52 -23.96 -7.13 -2.21
C SER A 52 -24.96 -7.40 -3.33
N GLY A 53 -26.04 -8.13 -3.06
CA GLY A 53 -27.09 -8.40 -4.04
C GLY A 53 -27.95 -7.18 -4.33
N SER A 54 -28.04 -6.25 -3.39
CA SER A 54 -28.75 -5.00 -3.57
C SER A 54 -27.84 -3.84 -3.96
N GLY A 55 -26.56 -3.93 -3.65
CA GLY A 55 -25.64 -2.84 -3.90
C GLY A 55 -25.47 -1.88 -2.76
N GLY A 56 -26.18 -2.14 -1.67
CA GLY A 56 -26.17 -1.25 -0.51
C GLY A 56 -24.88 -1.40 0.23
N SER A 57 -24.26 -2.55 0.11
CA SER A 57 -22.99 -2.80 0.80
C SER A 57 -21.91 -3.04 -0.24
N THR A 58 -20.72 -2.49 -0.06
CA THR A 58 -19.64 -2.70 -1.05
C THR A 58 -18.32 -2.70 -0.31
N TYR A 59 -17.50 -3.72 -0.55
CA TYR A 59 -16.22 -3.91 0.19
C TYR A 59 -15.04 -3.84 -0.76
N TYR A 60 -13.89 -3.36 -0.27
CA TYR A 60 -12.67 -3.25 -1.08
C TYR A 60 -11.46 -3.69 -0.29
N ALA A 61 -10.39 -4.05 -0.98
CA ALA A 61 -9.13 -4.46 -0.36
C ALA A 61 -8.28 -3.21 -0.21
N ASP A 62 -7.42 -3.13 0.80
CA ASP A 62 -6.67 -1.89 1.05
C ASP A 62 -5.86 -1.46 -0.15
N SER A 63 -5.18 -2.37 -0.81
CA SER A 63 -4.37 -1.93 -1.95
C SER A 63 -5.22 -1.34 -3.06
N VAL A 64 -6.54 -1.52 -2.99
CA VAL A 64 -7.44 -1.08 -4.04
C VAL A 64 -8.33 0.08 -3.58
N LYS A 65 -8.67 0.12 -2.28
CA LYS A 65 -9.57 1.14 -1.67
C LYS A 65 -9.23 2.57 -2.12
N GLY A 66 -10.27 3.36 -2.42
CA GLY A 66 -10.10 4.75 -2.84
C GLY A 66 -9.62 4.92 -4.26
N ARG A 67 -9.50 3.85 -5.02
CA ARG A 67 -9.10 3.92 -6.42
C ARG A 67 -10.04 3.15 -7.32
N PHE A 68 -10.54 2.00 -6.87
CA PHE A 68 -11.52 1.22 -7.60
C PHE A 68 -12.92 1.45 -7.02
N THR A 69 -13.93 1.13 -7.82
CA THR A 69 -15.32 1.25 -7.41
C THR A 69 -16.10 0.12 -8.05
N ILE A 70 -16.73 -0.71 -7.21
CA ILE A 70 -17.53 -1.83 -7.70
C ILE A 70 -18.98 -1.36 -7.80
N SER A 71 -19.63 -1.75 -8.90
CA SER A 71 -21.02 -1.32 -9.16
C SER A 71 -21.84 -2.47 -9.68
N ARG A 72 -23.15 -2.33 -9.68
CA ARG A 72 -24.05 -3.42 -10.11
C ARG A 72 -25.25 -2.84 -10.84
N ASP A 73 -25.71 -3.52 -11.85
CA ASP A 73 -26.92 -3.08 -12.59
C ASP A 73 -27.87 -4.26 -12.61
N ASN A 74 -28.64 -4.44 -11.57
CA ASN A 74 -29.53 -5.61 -11.45
C ASN A 74 -30.54 -5.72 -12.60
N SER A 75 -30.78 -4.65 -13.35
CA SER A 75 -31.72 -4.65 -14.47
C SER A 75 -31.14 -5.38 -15.68
N LYS A 76 -29.84 -5.26 -15.89
CA LYS A 76 -29.17 -5.82 -17.05
C LYS A 76 -28.28 -7.02 -16.71
N ASN A 77 -28.33 -7.48 -15.46
CA ASN A 77 -27.59 -8.67 -15.01
C ASN A 77 -26.09 -8.57 -15.34
N THR A 78 -25.54 -7.39 -15.18
CA THR A 78 -24.10 -7.25 -15.43
C THR A 78 -23.45 -6.74 -14.14
N LEU A 79 -22.13 -6.87 -14.01
CA LEU A 79 -21.42 -6.34 -12.82
C LEU A 79 -20.21 -5.61 -13.33
N TYR A 80 -19.85 -4.48 -12.72
CA TYR A 80 -18.75 -3.66 -13.19
C TYR A 80 -17.69 -3.50 -12.10
N LEU A 81 -16.52 -3.04 -12.54
CA LEU A 81 -15.42 -2.70 -11.66
C LEU A 81 -14.71 -1.50 -12.29
N GLN A 82 -14.95 -0.32 -11.74
CA GLN A 82 -14.31 0.89 -12.25
C GLN A 82 -12.95 1.04 -11.59
N MET A 83 -11.91 0.99 -12.40
CA MET A 83 -10.54 1.17 -11.94
C MET A 83 -10.06 2.51 -12.47
N ASN A 84 -9.76 3.45 -11.57
CA ASN A 84 -9.45 4.82 -11.99
C ASN A 84 -8.00 5.24 -11.81
N SER A 85 -7.24 4.59 -10.94
CA SER A 85 -5.84 4.96 -10.81
C SER A 85 -5.02 3.68 -10.83
N LEU A 86 -4.83 3.18 -12.04
CA LEU A 86 -4.15 1.88 -12.21
C LEU A 86 -2.67 2.11 -12.13
N ARG A 87 -1.98 1.20 -11.46
CA ARG A 87 -0.51 1.18 -11.34
C ARG A 87 -0.01 -0.09 -12.00
N ALA A 88 1.26 -0.38 -11.83
CA ALA A 88 1.84 -1.55 -12.48
C ALA A 88 1.47 -2.82 -11.73
N GLU A 89 1.36 -2.71 -10.42
CA GLU A 89 1.10 -3.89 -9.59
C GLU A 89 -0.33 -4.38 -9.73
N ASP A 90 -1.18 -3.64 -10.41
CA ASP A 90 -2.55 -4.06 -10.69
C ASP A 90 -2.62 -4.97 -11.90
N THR A 91 -1.47 -5.30 -12.50
CA THR A 91 -1.43 -6.17 -13.66
C THR A 91 -1.75 -7.60 -13.22
N ALA A 92 -2.86 -8.12 -13.70
CA ALA A 92 -3.34 -9.45 -13.32
C ALA A 92 -4.50 -9.83 -14.22
N VAL A 93 -4.94 -11.08 -14.10
CA VAL A 93 -6.19 -11.51 -14.71
C VAL A 93 -7.28 -11.33 -13.67
N TYR A 94 -8.28 -10.50 -14.00
CA TYR A 94 -9.36 -10.21 -13.07
C TYR A 94 -10.52 -11.16 -13.30
N TYR A 95 -10.94 -11.83 -12.25
CA TYR A 95 -12.02 -12.82 -12.30
C TYR A 95 -13.28 -12.24 -11.69
N CYS A 96 -14.42 -12.73 -12.17
CA CYS A 96 -15.74 -12.31 -11.71
C CYS A 96 -16.44 -13.51 -11.10
N ALA A 97 -16.52 -13.56 -9.79
CA ALA A 97 -17.08 -14.76 -9.14
C ALA A 97 -18.35 -14.42 -8.40
N LYS A 98 -19.19 -15.40 -8.13
CA LYS A 98 -20.49 -15.17 -7.51
C LYS A 98 -20.56 -15.87 -6.17
N ASP A 99 -21.26 -15.29 -5.21
CA ASP A 99 -21.37 -15.91 -3.87
C ASP A 99 -22.00 -17.28 -3.95
N ARG A 100 -21.50 -18.21 -3.12
CA ARG A 100 -22.03 -19.60 -3.10
C ARG A 100 -23.43 -19.61 -2.48
N GLY A 101 -23.79 -18.54 -1.78
CA GLY A 101 -25.11 -18.43 -1.14
C GLY A 101 -25.80 -17.11 -1.47
N PRO A 102 -27.12 -17.12 -1.79
CA PRO A 102 -27.85 -15.88 -2.13
C PRO A 102 -27.96 -14.93 -0.92
N ARG A 103 -28.06 -13.63 -1.20
CA ARG A 103 -28.18 -12.59 -0.14
C ARG A 103 -27.06 -12.80 0.89
N GLY A 104 -25.80 -12.66 0.46
CA GLY A 104 -24.64 -12.85 1.34
C GLY A 104 -23.73 -11.66 1.22
N VAL A 105 -22.46 -11.87 1.47
CA VAL A 105 -21.57 -10.70 1.42
C VAL A 105 -20.39 -10.99 0.48
N GLY A 106 -20.24 -12.26 0.09
CA GLY A 106 -19.13 -12.67 -0.78
C GLY A 106 -18.14 -13.56 -0.02
N GLU A 107 -18.62 -14.19 1.06
CA GLU A 107 -17.76 -15.09 1.88
C GLU A 107 -17.08 -16.09 0.94
N LEU A 108 -17.89 -16.85 0.19
CA LEU A 108 -17.34 -17.80 -0.82
C LEU A 108 -17.51 -17.49 -2.28
N PHE A 109 -16.65 -18.03 -3.14
CA PHE A 109 -16.69 -17.72 -4.58
C PHE A 109 -17.04 -19.05 -5.23
N ASP A 110 -18.32 -19.25 -5.49
CA ASP A 110 -18.83 -20.52 -6.04
C ASP A 110 -18.39 -20.68 -7.48
N TYR A 111 -18.93 -19.84 -8.35
CA TYR A 111 -18.58 -19.98 -9.76
C TYR A 111 -17.56 -18.89 -10.12
N TRP A 112 -16.69 -19.16 -11.06
CA TRP A 112 -15.68 -18.23 -11.53
C TRP A 112 -15.82 -18.10 -13.05
N GLY A 113 -15.52 -16.93 -13.57
CA GLY A 113 -15.36 -16.79 -15.01
C GLY A 113 -13.92 -17.03 -15.36
N GLN A 114 -13.64 -17.15 -16.66
CA GLN A 114 -12.26 -17.40 -17.05
C GLN A 114 -11.41 -16.13 -16.95
N GLY A 115 -12.02 -14.95 -17.09
CA GLY A 115 -11.33 -13.72 -16.75
C GLY A 115 -11.02 -12.86 -17.96
N THR A 116 -10.43 -11.71 -17.66
CA THR A 116 -9.91 -10.78 -18.67
C THR A 116 -8.62 -10.17 -18.14
N LEU A 117 -7.64 -10.00 -19.04
CA LEU A 117 -6.30 -9.58 -18.67
C LEU A 117 -6.14 -8.06 -18.76
N VAL A 118 -5.55 -7.47 -17.72
CA VAL A 118 -5.18 -6.06 -17.69
C VAL A 118 -3.69 -5.99 -17.44
N THR A 119 -2.95 -5.35 -18.35
CA THR A 119 -1.52 -5.15 -18.22
C THR A 119 -1.31 -3.64 -18.18
N VAL A 120 -0.82 -3.12 -17.06
CA VAL A 120 -0.59 -1.69 -16.90
C VAL A 120 0.91 -1.44 -17.06
N SER A 121 1.29 -0.73 -18.12
CA SER A 121 2.70 -0.50 -18.44
C SER A 121 2.81 0.76 -19.30
N SER A 122 4.03 1.28 -19.39
CA SER A 122 4.31 2.44 -20.22
C SER A 122 4.79 2.06 -21.62
N ALA A 123 4.88 0.77 -21.91
CA ALA A 123 5.28 0.31 -23.23
C ALA A 123 4.11 0.35 -24.19
N SER A 124 4.42 0.21 -25.47
CA SER A 124 3.42 0.29 -26.53
C SER A 124 3.18 -1.10 -27.14
N THR A 125 2.00 -1.24 -27.75
CA THR A 125 1.64 -2.47 -28.43
C THR A 125 2.63 -2.76 -29.55
N LYS A 126 3.28 -3.91 -29.47
CA LYS A 126 4.27 -4.32 -30.46
C LYS A 126 3.87 -5.70 -30.96
N GLY A 127 3.67 -5.82 -32.27
CA GLY A 127 3.37 -7.08 -32.89
C GLY A 127 4.57 -8.00 -32.89
N PRO A 128 4.32 -9.30 -32.92
CA PRO A 128 5.42 -10.28 -32.79
C PRO A 128 6.13 -10.50 -34.11
N SER A 129 7.28 -11.15 -34.04
CA SER A 129 7.99 -11.63 -35.21
C SER A 129 7.97 -13.15 -35.17
N VAL A 130 7.43 -13.79 -36.19
CA VAL A 130 7.35 -15.27 -36.21
C VAL A 130 8.32 -15.77 -37.26
N PHE A 131 9.34 -16.50 -36.82
CA PHE A 131 10.36 -17.08 -37.70
C PHE A 131 10.28 -18.57 -37.55
N PRO A 132 10.45 -19.36 -38.60
CA PRO A 132 10.36 -20.79 -38.50
C PRO A 132 11.43 -21.45 -37.66
N LEU A 133 11.15 -22.65 -37.18
CA LEU A 133 12.16 -23.46 -36.50
C LEU A 133 12.41 -24.66 -37.39
N ALA A 134 13.04 -24.43 -38.52
CA ALA A 134 13.34 -25.41 -39.58
C ALA A 134 13.79 -26.76 -39.00
N PRO A 135 13.24 -27.89 -39.50
CA PRO A 135 13.56 -29.18 -38.96
C PRO A 135 14.64 -29.95 -39.73
N SER A 136 15.71 -30.32 -39.06
CA SER A 136 16.83 -31.07 -39.68
C SER A 136 17.00 -32.38 -38.92
N SER A 137 18.19 -32.60 -38.37
CA SER A 137 18.47 -33.87 -37.64
C SER A 137 18.05 -35.05 -38.51
N LYS A 138 18.70 -35.11 -39.68
CA LYS A 138 18.55 -36.08 -40.80
C LYS A 138 17.90 -37.37 -40.36
N SER A 141 14.06 -41.53 -40.67
CA SER A 141 14.83 -42.22 -39.60
C SER A 141 15.74 -41.23 -38.87
N GLY A 142 15.16 -40.23 -38.21
CA GLY A 142 15.97 -39.23 -37.47
C GLY A 142 15.75 -39.40 -35.98
N GLY A 143 15.76 -38.31 -35.21
CA GLY A 143 15.42 -38.46 -33.78
C GLY A 143 14.03 -39.06 -33.73
N THR A 144 13.11 -38.38 -34.42
CA THR A 144 11.68 -38.70 -34.70
C THR A 144 11.01 -37.48 -35.34
N ALA A 145 11.80 -36.45 -35.65
CA ALA A 145 11.50 -35.15 -36.31
C ALA A 145 10.94 -34.10 -35.35
N ALA A 146 11.33 -32.84 -35.51
CA ALA A 146 10.84 -31.76 -34.65
C ALA A 146 10.96 -30.44 -35.39
N LEU A 147 9.88 -29.66 -35.40
CA LEU A 147 9.83 -28.33 -36.06
C LEU A 147 9.06 -27.36 -35.18
N GLY A 148 8.86 -26.13 -35.62
CA GLY A 148 8.13 -25.22 -34.75
C GLY A 148 8.25 -23.80 -35.23
N CYS A 149 7.99 -22.86 -34.34
CA CYS A 149 7.97 -21.43 -34.63
C CYS A 149 8.47 -20.65 -33.42
N LEU A 150 9.13 -19.53 -33.67
CA LEU A 150 9.66 -18.66 -32.63
C LEU A 150 8.94 -17.32 -32.71
N VAL A 151 8.05 -17.06 -31.77
CA VAL A 151 7.35 -15.79 -31.68
C VAL A 151 8.15 -14.87 -30.76
N LYS A 152 8.54 -13.71 -31.28
CA LYS A 152 9.53 -12.88 -30.62
C LYS A 152 9.10 -11.41 -30.60
N ASP A 153 9.46 -10.73 -29.51
CA ASP A 153 9.33 -9.28 -29.36
C ASP A 153 7.90 -8.80 -29.58
N TYR A 154 7.03 -9.20 -28.66
CA TYR A 154 5.65 -8.73 -28.67
C TYR A 154 5.25 -8.26 -27.28
N PHE A 155 4.22 -7.41 -27.25
CA PHE A 155 3.69 -6.86 -26.01
C PHE A 155 2.29 -6.34 -26.32
N PRO A 156 1.29 -6.56 -25.44
CA PRO A 156 1.27 -7.32 -24.19
C PRO A 156 1.30 -8.84 -24.37
N GLU A 157 0.96 -9.56 -23.30
CA GLU A 157 1.16 -11.00 -23.20
C GLU A 157 0.24 -11.88 -24.05
N PRO A 158 -1.04 -11.52 -24.34
CA PRO A 158 -1.91 -12.51 -24.98
C PRO A 158 -1.52 -12.78 -26.43
N VAL A 159 -0.97 -13.98 -26.65
CA VAL A 159 -0.67 -14.48 -27.99
C VAL A 159 -1.07 -15.95 -28.04
N THR A 160 -1.77 -16.32 -29.11
CA THR A 160 -2.23 -17.69 -29.30
C THR A 160 -1.65 -18.22 -30.61
N VAL A 161 -1.08 -19.42 -30.54
CA VAL A 161 -0.53 -20.07 -31.71
C VAL A 161 -1.19 -21.43 -31.86
N SER A 162 -1.53 -21.78 -33.09
CA SER A 162 -2.14 -23.06 -33.43
C SER A 162 -1.34 -23.66 -34.59
N TRP A 163 -1.46 -24.97 -34.76
CA TRP A 163 -0.74 -25.69 -35.79
C TRP A 163 -1.70 -26.20 -36.84
N ASN A 164 -1.41 -25.85 -38.10
CA ASN A 164 -2.17 -26.28 -39.27
C ASN A 164 -3.66 -26.01 -39.09
N SER A 165 -3.98 -24.72 -38.92
CA SER A 165 -5.36 -24.24 -38.74
C SER A 165 -6.16 -25.14 -37.80
N GLY A 166 -5.52 -25.57 -36.72
CA GLY A 166 -6.10 -26.40 -35.70
C GLY A 166 -6.19 -27.87 -36.05
N ALA A 167 -5.45 -28.33 -37.05
CA ALA A 167 -5.54 -29.72 -37.46
C ALA A 167 -4.48 -30.52 -36.71
N LEU A 168 -3.27 -29.98 -36.66
CA LEU A 168 -2.19 -30.62 -35.93
C LEU A 168 -2.39 -30.32 -34.45
N THR A 169 -2.51 -31.37 -33.64
CA THR A 169 -2.77 -31.17 -32.22
C THR A 169 -2.04 -32.15 -31.30
N SER A 170 -1.32 -33.12 -31.83
CA SER A 170 -0.64 -34.13 -31.02
C SER A 170 0.86 -33.94 -31.13
N GLY A 171 1.52 -33.86 -29.97
CA GLY A 171 2.98 -33.67 -29.92
C GLY A 171 3.35 -32.19 -29.91
N VAL A 172 2.34 -31.31 -29.90
CA VAL A 172 2.58 -29.83 -29.89
C VAL A 172 2.95 -29.40 -28.47
N HIS A 173 3.87 -28.44 -28.33
CA HIS A 173 4.31 -27.95 -27.00
C HIS A 173 4.34 -26.42 -27.00
N THR A 174 3.37 -25.80 -26.31
CA THR A 174 3.30 -24.31 -26.21
C THR A 174 3.78 -23.88 -24.82
N PHE A 175 5.09 -23.67 -24.66
CA PHE A 175 5.68 -23.27 -23.37
C PHE A 175 5.32 -21.81 -23.05
N PRO A 176 5.31 -21.40 -21.75
CA PRO A 176 4.99 -20.02 -21.38
C PRO A 176 6.00 -19.00 -21.93
N ALA A 177 5.53 -17.77 -22.18
CA ALA A 177 6.39 -16.70 -22.73
C ALA A 177 7.36 -16.20 -21.64
N VAL A 178 8.59 -15.86 -22.04
CA VAL A 178 9.60 -15.36 -21.12
C VAL A 178 9.80 -13.88 -21.38
N LEU A 179 9.75 -13.09 -20.31
CA LEU A 179 9.95 -11.66 -20.44
C LEU A 179 11.42 -11.39 -20.66
N GLN A 180 11.76 -10.83 -21.82
CA GLN A 180 13.16 -10.59 -22.11
C GLN A 180 13.61 -9.29 -21.46
N SER A 181 14.93 -9.06 -21.49
CA SER A 181 15.48 -7.92 -20.76
C SER A 181 15.12 -6.59 -21.40
N SER A 182 14.58 -6.61 -22.61
CA SER A 182 14.08 -5.41 -23.27
C SER A 182 12.65 -5.06 -22.87
N GLY A 183 11.99 -5.90 -22.09
CA GLY A 183 10.60 -5.69 -21.73
C GLY A 183 9.61 -6.25 -22.72
N LEU A 184 10.08 -7.03 -23.69
CA LEU A 184 9.23 -7.65 -24.69
C LEU A 184 9.27 -9.17 -24.51
N TYR A 185 8.17 -9.82 -24.81
CA TYR A 185 8.06 -11.26 -24.60
C TYR A 185 8.55 -12.05 -25.82
N SER A 186 8.91 -13.30 -25.56
CA SER A 186 9.36 -14.23 -26.60
C SER A 186 8.80 -15.61 -26.30
N LEU A 187 8.30 -16.27 -27.34
CA LEU A 187 7.58 -17.52 -27.17
C LEU A 187 8.03 -18.52 -28.23
N SER A 188 8.16 -19.77 -27.82
CA SER A 188 8.54 -20.87 -28.69
C SER A 188 7.40 -21.88 -28.71
N SER A 189 7.05 -22.35 -29.90
CA SER A 189 6.05 -23.41 -30.05
C SER A 189 6.62 -24.46 -30.99
N VAL A 190 6.47 -25.74 -30.61
CA VAL A 190 7.14 -26.85 -31.29
C VAL A 190 6.18 -28.01 -31.45
N VAL A 191 6.48 -28.89 -32.40
CA VAL A 191 5.68 -30.09 -32.63
C VAL A 191 6.56 -31.22 -33.16
N THR A 192 6.36 -32.42 -32.63
CA THR A 192 7.04 -33.63 -33.11
C THR A 192 6.10 -34.43 -34.02
N VAL A 193 6.63 -34.71 -35.19
CA VAL A 193 5.89 -35.45 -36.24
C VAL A 193 6.67 -36.69 -36.63
N PRO A 194 6.06 -37.59 -37.41
CA PRO A 194 6.70 -38.79 -37.87
C PRO A 194 7.93 -38.55 -38.73
N SER A 195 8.82 -39.52 -38.68
CA SER A 195 10.10 -39.54 -39.39
C SER A 195 9.87 -39.16 -40.85
N SER A 196 9.12 -40.01 -41.54
CA SER A 196 8.87 -39.88 -42.99
C SER A 196 8.16 -38.58 -43.37
N SER A 197 6.84 -38.58 -43.21
CA SER A 197 5.93 -37.46 -43.54
C SER A 197 6.52 -36.08 -43.24
N LEU A 198 7.35 -35.54 -44.12
CA LEU A 198 7.93 -34.19 -43.94
C LEU A 198 7.86 -33.46 -45.26
N GLY A 199 7.75 -34.22 -46.33
CA GLY A 199 7.58 -33.69 -47.69
C GLY A 199 6.13 -33.95 -48.04
N THR A 200 5.51 -34.89 -47.35
CA THR A 200 4.11 -35.09 -47.69
C THR A 200 3.23 -33.98 -47.13
N GLN A 201 2.99 -33.95 -45.83
CA GLN A 201 2.13 -32.93 -45.24
C GLN A 201 2.97 -31.71 -44.84
N THR A 202 2.49 -30.53 -45.24
CA THR A 202 3.13 -29.27 -44.88
C THR A 202 2.61 -28.76 -43.55
N TYR A 203 3.50 -28.12 -42.79
CA TYR A 203 3.21 -27.64 -41.45
C TYR A 203 3.24 -26.12 -41.42
N ILE A 204 2.18 -25.52 -40.89
CA ILE A 204 2.06 -24.08 -40.73
C ILE A 204 1.63 -23.79 -39.30
N CYS A 205 2.25 -22.79 -38.69
CA CYS A 205 1.87 -22.34 -37.36
C CYS A 205 1.11 -21.04 -37.52
N ASN A 206 -0.04 -20.94 -36.86
CA ASN A 206 -0.89 -19.77 -36.98
C ASN A 206 -0.79 -18.96 -35.69
N VAL A 207 -0.08 -17.84 -35.74
CA VAL A 207 0.08 -16.96 -34.59
C VAL A 207 -0.93 -15.83 -34.70
N ASN A 208 -1.53 -15.47 -33.58
CA ASN A 208 -2.50 -14.38 -33.54
C ASN A 208 -2.22 -13.56 -32.30
N HIS A 209 -1.96 -12.28 -32.49
CA HIS A 209 -1.70 -11.37 -31.35
C HIS A 209 -2.80 -10.30 -31.35
N LYS A 210 -3.92 -10.62 -30.74
CA LYS A 210 -5.13 -9.77 -30.79
C LYS A 210 -4.84 -8.32 -30.43
N PRO A 211 -4.00 -7.99 -29.44
CA PRO A 211 -3.67 -6.60 -29.17
C PRO A 211 -3.12 -5.80 -30.35
N SER A 212 -2.35 -6.44 -31.23
CA SER A 212 -1.73 -5.72 -32.36
C SER A 212 -2.36 -6.14 -33.67
N ASN A 213 -3.36 -7.00 -33.61
CA ASN A 213 -4.05 -7.49 -34.82
C ASN A 213 -3.03 -8.07 -35.80
N THR A 214 -2.04 -8.81 -35.31
CA THR A 214 -0.98 -9.38 -36.18
C THR A 214 -1.10 -10.90 -36.29
N LYS A 215 -2.27 -11.42 -36.64
CA LYS A 215 -2.43 -12.89 -36.83
C LYS A 215 -1.57 -13.28 -38.04
N VAL A 216 -0.86 -14.41 -37.97
CA VAL A 216 0.03 -14.77 -39.12
C VAL A 216 0.11 -16.29 -39.32
N ASP A 217 0.37 -16.68 -40.57
CA ASP A 217 0.56 -18.06 -41.04
C ASP A 217 1.93 -18.37 -41.64
N LYS A 218 2.86 -18.78 -40.80
CA LYS A 218 4.23 -19.01 -41.20
C LYS A 218 4.40 -20.48 -41.56
N ARG A 219 4.75 -20.74 -42.83
CA ARG A 219 4.89 -22.12 -43.28
C ARG A 219 6.31 -22.61 -42.94
N VAL A 220 6.38 -23.70 -42.20
CA VAL A 220 7.65 -24.25 -41.75
C VAL A 220 8.11 -25.28 -42.78
N GLU A 221 9.08 -24.92 -43.60
CA GLU A 221 9.63 -25.86 -44.60
C GLU A 221 10.90 -26.50 -44.03
N PRO A 222 11.32 -27.70 -44.45
CA PRO A 222 12.57 -28.28 -43.97
C PRO A 222 13.83 -27.77 -44.68
N LYS A 223 14.92 -27.59 -43.94
CA LYS A 223 16.23 -27.12 -44.45
C LYS A 223 17.29 -28.20 -44.24
N ASP B 1 -5.03 -8.60 8.74
CA ASP B 1 -5.55 -9.41 7.62
C ASP B 1 -5.24 -10.86 7.96
N ILE B 2 -6.22 -11.74 7.98
CA ILE B 2 -5.85 -13.12 8.40
C ILE B 2 -4.93 -13.71 7.36
N GLN B 3 -3.78 -14.18 7.80
CA GLN B 3 -2.72 -14.75 6.95
C GLN B 3 -2.90 -16.25 6.78
N MET B 4 -3.14 -16.68 5.54
CA MET B 4 -3.27 -18.11 5.23
C MET B 4 -1.92 -18.53 4.68
N THR B 5 -1.33 -19.59 5.19
CA THR B 5 -0.07 -20.03 4.59
C THR B 5 -0.25 -21.51 4.39
N GLN B 6 0.00 -22.01 3.18
CA GLN B 6 -0.20 -23.45 2.98
C GLN B 6 1.13 -24.17 3.09
N SER B 7 1.06 -25.47 3.12
CA SER B 7 2.25 -26.31 3.26
C SER B 7 1.95 -27.72 2.77
N PRO B 8 2.79 -28.27 1.87
CA PRO B 8 3.97 -27.58 1.36
C PRO B 8 3.65 -26.74 0.11
N SER B 9 4.66 -26.02 -0.38
CA SER B 9 4.50 -25.20 -1.57
C SER B 9 4.52 -26.03 -2.85
N THR B 10 5.01 -27.27 -2.79
CA THR B 10 5.08 -28.11 -3.98
C THR B 10 5.03 -29.58 -3.59
N LEU B 11 4.14 -30.33 -4.24
CA LEU B 11 3.97 -31.75 -3.96
C LEU B 11 4.22 -32.61 -5.19
N SER B 12 4.82 -33.79 -4.95
CA SER B 12 5.06 -34.81 -5.96
C SER B 12 4.55 -36.13 -5.43
N ALA B 13 3.75 -36.84 -6.22
CA ALA B 13 3.18 -38.11 -5.80
C ALA B 13 2.72 -38.88 -7.04
N SER B 14 2.47 -40.18 -6.85
CA SER B 14 2.03 -41.04 -7.94
C SER B 14 0.54 -41.37 -7.77
N VAL B 15 -0.06 -41.87 -8.84
CA VAL B 15 -1.50 -42.16 -8.83
C VAL B 15 -1.77 -43.30 -7.86
N GLY B 16 -2.85 -43.16 -7.08
CA GLY B 16 -3.20 -44.10 -6.05
C GLY B 16 -2.73 -43.69 -4.66
N ASP B 17 -1.71 -42.85 -4.59
CA ASP B 17 -1.17 -42.38 -3.32
C ASP B 17 -2.13 -41.42 -2.64
N ARG B 18 -2.03 -41.35 -1.31
CA ARG B 18 -2.79 -40.39 -0.54
C ARG B 18 -1.92 -39.15 -0.29
N VAL B 19 -2.48 -37.99 -0.60
CA VAL B 19 -1.76 -36.73 -0.41
C VAL B 19 -2.55 -35.90 0.58
N THR B 20 -1.84 -35.13 1.40
CA THR B 20 -2.48 -34.28 2.40
C THR B 20 -1.87 -32.89 2.32
N ILE B 21 -2.67 -31.86 2.05
CA ILE B 21 -2.14 -30.46 1.96
C ILE B 21 -2.43 -29.76 3.28
N THR B 22 -1.66 -28.75 3.68
CA THR B 22 -1.98 -28.14 4.99
C THR B 22 -2.25 -26.65 4.81
N CYS B 23 -3.01 -26.03 5.71
CA CYS B 23 -3.27 -24.58 5.70
C CYS B 23 -3.43 -24.07 7.14
N ARG B 24 -2.46 -23.29 7.62
CA ARG B 24 -2.51 -22.71 8.99
C ARG B 24 -2.94 -21.25 8.89
N ALA B 25 -3.77 -20.78 9.83
CA ALA B 25 -4.24 -19.38 9.79
C ALA B 25 -3.43 -18.52 10.76
N SER B 26 -3.53 -17.20 10.62
CA SER B 26 -2.77 -16.33 11.53
C SER B 26 -3.49 -16.28 12.87
N GLN B 27 -4.79 -16.45 12.84
CA GLN B 27 -5.65 -16.44 14.04
C GLN B 27 -6.74 -17.50 13.89
N SER B 28 -7.46 -17.79 14.96
CA SER B 28 -8.53 -18.82 15.00
C SER B 28 -9.71 -18.45 14.08
N ILE B 29 -10.13 -19.33 13.18
CA ILE B 29 -11.24 -19.02 12.23
C ILE B 29 -12.25 -20.16 12.25
N SER B 30 -12.30 -20.91 13.33
CA SER B 30 -13.24 -22.05 13.50
C SER B 30 -13.31 -22.91 12.26
N SER B 31 -14.38 -22.91 11.51
CA SER B 31 -14.47 -23.80 10.35
C SER B 31 -14.73 -22.97 9.10
N TRP B 32 -14.60 -21.66 9.20
CA TRP B 32 -14.85 -20.85 8.00
C TRP B 32 -13.66 -20.97 7.05
N LEU B 33 -13.59 -22.01 6.25
CA LEU B 33 -12.41 -22.13 5.35
C LEU B 33 -12.75 -22.91 4.09
N ALA B 34 -12.44 -22.34 2.93
CA ALA B 34 -12.74 -23.06 1.68
C ALA B 34 -11.46 -23.58 1.04
N TRP B 35 -11.60 -24.34 -0.01
CA TRP B 35 -10.47 -24.90 -0.77
C TRP B 35 -10.85 -24.77 -2.25
N TYR B 36 -9.94 -24.37 -3.12
CA TYR B 36 -10.26 -24.31 -4.55
C TYR B 36 -9.19 -25.03 -5.33
N GLN B 37 -9.49 -25.38 -6.55
CA GLN B 37 -8.51 -26.06 -7.40
C GLN B 37 -8.38 -25.19 -8.63
N GLN B 38 -7.17 -25.06 -9.12
CA GLN B 38 -6.93 -24.29 -10.33
C GLN B 38 -6.03 -25.09 -11.25
N LYS B 39 -6.50 -25.35 -12.45
CA LYS B 39 -5.67 -25.99 -13.44
C LYS B 39 -5.03 -24.93 -14.32
N PRO B 40 -3.82 -25.16 -14.80
CA PRO B 40 -3.10 -24.13 -15.56
C PRO B 40 -3.90 -23.59 -16.75
N GLY B 41 -4.20 -22.29 -16.74
CA GLY B 41 -4.93 -21.66 -17.81
C GLY B 41 -6.43 -21.61 -17.60
N LYS B 42 -6.94 -22.26 -16.56
CA LYS B 42 -8.35 -22.28 -16.24
C LYS B 42 -8.62 -21.50 -14.97
N ALA B 43 -9.91 -21.25 -14.74
CA ALA B 43 -10.32 -20.52 -13.55
C ALA B 43 -10.40 -21.48 -12.38
N PRO B 44 -10.40 -20.96 -11.15
CA PRO B 44 -10.49 -21.85 -9.99
C PRO B 44 -11.89 -22.43 -9.85
N LYS B 45 -11.97 -23.51 -9.09
CA LYS B 45 -13.20 -24.24 -8.84
C LYS B 45 -13.34 -24.45 -7.35
N LEU B 46 -14.56 -24.28 -6.82
CA LEU B 46 -14.81 -24.51 -5.40
C LEU B 46 -14.93 -25.99 -5.13
N LEU B 47 -14.15 -26.52 -4.20
CA LEU B 47 -14.16 -27.96 -3.90
C LEU B 47 -14.74 -28.19 -2.52
N ILE B 48 -14.36 -27.41 -1.54
CA ILE B 48 -14.82 -27.73 -0.17
C ILE B 48 -15.06 -26.46 0.61
N TYR B 49 -16.19 -26.33 1.28
CA TYR B 49 -16.46 -25.15 2.14
C TYR B 49 -16.68 -25.64 3.57
N LYS B 50 -16.66 -24.72 4.52
CA LYS B 50 -16.84 -24.99 5.96
C LYS B 50 -16.00 -26.18 6.35
N ALA B 51 -14.76 -26.16 5.89
CA ALA B 51 -13.72 -27.15 6.19
C ALA B 51 -13.94 -28.51 5.56
N SER B 52 -15.03 -29.21 5.89
CA SER B 52 -15.18 -30.61 5.40
C SER B 52 -16.37 -30.82 4.48
N SER B 53 -17.08 -29.77 4.10
CA SER B 53 -18.29 -29.99 3.28
C SER B 53 -17.96 -29.94 1.80
N LEU B 54 -18.14 -31.04 1.09
CA LEU B 54 -17.85 -31.10 -0.35
C LEU B 54 -18.93 -30.37 -1.12
N GLU B 55 -18.52 -29.80 -2.24
CA GLU B 55 -19.43 -29.12 -3.15
C GLU B 55 -19.93 -30.14 -4.17
N SER B 56 -21.20 -30.04 -4.53
CA SER B 56 -21.83 -31.01 -5.43
C SER B 56 -21.04 -31.13 -6.72
N GLY B 57 -20.61 -32.35 -7.03
CA GLY B 57 -19.84 -32.61 -8.23
C GLY B 57 -18.41 -33.00 -7.94
N VAL B 58 -17.94 -32.79 -6.72
CA VAL B 58 -16.56 -33.08 -6.35
C VAL B 58 -16.49 -34.54 -5.91
N PRO B 59 -15.52 -35.32 -6.40
CA PRO B 59 -15.48 -36.75 -6.08
C PRO B 59 -15.31 -37.03 -4.60
N SER B 60 -15.49 -38.30 -4.23
CA SER B 60 -15.46 -38.68 -2.83
C SER B 60 -14.04 -38.76 -2.24
N ARG B 61 -13.01 -38.85 -3.08
CA ARG B 61 -11.67 -38.91 -2.53
C ARG B 61 -11.26 -37.61 -1.88
N PHE B 62 -11.89 -36.50 -2.25
CA PHE B 62 -11.59 -35.22 -1.62
C PHE B 62 -12.29 -35.15 -0.28
N SER B 63 -11.57 -34.74 0.73
CA SER B 63 -12.15 -34.62 2.07
C SER B 63 -11.52 -33.42 2.76
N GLY B 64 -12.17 -32.87 3.76
CA GLY B 64 -11.59 -31.74 4.46
C GLY B 64 -11.70 -31.94 5.93
N SER B 65 -10.81 -31.35 6.68
CA SER B 65 -10.86 -31.45 8.16
C SER B 65 -10.09 -30.27 8.75
N GLY B 66 -10.36 -29.98 10.01
CA GLY B 66 -9.67 -28.87 10.66
C GLY B 66 -10.62 -27.91 11.30
N SER B 67 -10.12 -27.21 12.29
CA SER B 67 -10.89 -26.20 13.03
C SER B 67 -9.91 -25.22 13.64
N GLY B 68 -10.40 -24.03 13.91
CA GLY B 68 -9.57 -23.02 14.58
C GLY B 68 -8.38 -22.56 13.79
N THR B 69 -7.29 -23.32 13.77
CA THR B 69 -6.06 -22.79 13.14
C THR B 69 -5.44 -23.72 12.13
N GLU B 70 -5.65 -25.02 12.21
CA GLU B 70 -4.92 -25.86 11.25
C GLU B 70 -5.87 -26.77 10.51
N PHE B 71 -5.98 -26.58 9.21
CA PHE B 71 -6.88 -27.38 8.37
C PHE B 71 -6.07 -28.12 7.34
N THR B 72 -6.55 -29.27 6.89
CA THR B 72 -5.86 -30.06 5.88
C THR B 72 -6.90 -30.51 4.86
N LEU B 73 -6.47 -30.65 3.62
CA LEU B 73 -7.18 -31.19 2.47
C LEU B 73 -6.53 -32.51 2.07
N THR B 74 -7.35 -33.55 1.91
CA THR B 74 -6.82 -34.89 1.69
C THR B 74 -7.45 -35.49 0.44
N ILE B 75 -6.62 -36.12 -0.38
CA ILE B 75 -7.06 -36.85 -1.56
C ILE B 75 -6.74 -38.31 -1.29
N SER B 76 -7.78 -39.13 -1.16
CA SER B 76 -7.60 -40.51 -0.73
C SER B 76 -6.71 -41.29 -1.69
N SER B 77 -6.97 -41.18 -2.99
CA SER B 77 -6.20 -41.89 -4.02
C SER B 77 -6.03 -40.94 -5.19
N LEU B 78 -4.81 -40.47 -5.39
CA LEU B 78 -4.52 -39.52 -6.45
C LEU B 78 -4.89 -40.11 -7.80
N GLN B 79 -5.53 -39.30 -8.64
CA GLN B 79 -5.95 -39.69 -9.98
C GLN B 79 -5.33 -38.75 -11.00
N PRO B 80 -5.27 -39.17 -12.28
CA PRO B 80 -4.48 -38.39 -13.26
C PRO B 80 -5.04 -37.02 -13.58
N ASP B 81 -6.27 -36.71 -13.17
CA ASP B 81 -6.84 -35.39 -13.40
C ASP B 81 -6.89 -34.55 -12.14
N ASP B 82 -6.29 -35.01 -11.05
CA ASP B 82 -6.27 -34.26 -9.81
C ASP B 82 -5.05 -33.35 -9.70
N PHE B 83 -4.14 -33.40 -10.67
CA PHE B 83 -2.94 -32.57 -10.62
C PHE B 83 -3.30 -31.13 -10.99
N ALA B 84 -3.21 -30.25 -9.99
CA ALA B 84 -3.43 -28.83 -10.16
C ALA B 84 -2.81 -28.11 -8.96
N THR B 85 -2.90 -26.79 -8.96
CA THR B 85 -2.52 -26.01 -7.79
C THR B 85 -3.77 -25.73 -6.96
N TYR B 86 -3.64 -25.91 -5.65
CA TYR B 86 -4.76 -25.86 -4.72
C TYR B 86 -4.58 -24.68 -3.77
N TYR B 87 -5.61 -23.84 -3.67
CA TYR B 87 -5.57 -22.67 -2.80
C TYR B 87 -6.48 -22.84 -1.59
N CYS B 88 -6.14 -22.08 -0.57
CA CYS B 88 -6.80 -22.06 0.74
C CYS B 88 -7.41 -20.70 0.95
N GLN B 89 -8.56 -20.62 1.59
CA GLN B 89 -9.19 -19.30 1.82
C GLN B 89 -10.03 -19.33 3.08
N GLN B 90 -9.80 -18.37 3.97
CA GLN B 90 -10.65 -18.24 5.16
C GLN B 90 -11.69 -17.19 4.84
N TYR B 91 -12.93 -17.46 5.17
CA TYR B 91 -13.93 -16.41 4.99
C TYR B 91 -14.42 -16.10 6.37
N ASN B 92 -13.55 -16.13 7.37
CA ASN B 92 -13.96 -15.82 8.74
C ASN B 92 -14.28 -14.35 8.84
N SER B 93 -13.57 -13.51 8.10
CA SER B 93 -13.82 -12.04 8.05
C SER B 93 -13.20 -11.45 6.79
N TYR B 94 -13.44 -10.15 6.56
CA TYR B 94 -12.90 -9.44 5.38
C TYR B 94 -11.56 -8.78 5.72
N PRO B 95 -10.62 -8.62 4.76
CA PRO B 95 -10.84 -9.08 3.37
C PRO B 95 -10.52 -10.57 3.22
N TRP B 96 -11.42 -11.30 2.55
CA TRP B 96 -11.24 -12.77 2.32
C TRP B 96 -9.84 -13.03 1.73
N THR B 97 -8.91 -13.49 2.57
CA THR B 97 -7.54 -13.77 2.12
C THR B 97 -7.35 -15.23 1.73
N PHE B 98 -6.38 -15.46 0.84
CA PHE B 98 -6.03 -16.78 0.35
C PHE B 98 -4.67 -17.19 0.88
N GLY B 99 -4.35 -18.46 0.66
CA GLY B 99 -3.00 -18.95 0.87
C GLY B 99 -2.21 -18.72 -0.39
N GLN B 100 -0.97 -19.21 -0.38
CA GLN B 100 -0.11 -19.03 -1.55
C GLN B 100 -0.28 -20.13 -2.58
N GLY B 101 -0.89 -21.25 -2.21
CA GLY B 101 -1.11 -22.35 -3.14
C GLY B 101 -0.27 -23.57 -2.82
N THR B 102 -0.63 -24.67 -3.48
CA THR B 102 0.10 -25.92 -3.36
C THR B 102 -0.03 -26.64 -4.70
N LYS B 103 1.10 -26.86 -5.36
CA LYS B 103 1.11 -27.46 -6.69
C LYS B 103 1.29 -28.96 -6.54
N VAL B 104 0.30 -29.72 -6.98
CA VAL B 104 0.36 -31.18 -6.96
C VAL B 104 0.83 -31.66 -8.33
N GLU B 105 1.90 -32.46 -8.34
CA GLU B 105 2.49 -32.98 -9.57
C GLU B 105 2.42 -34.50 -9.54
N ILE B 106 2.47 -35.11 -10.73
CA ILE B 106 2.37 -36.55 -10.89
C ILE B 106 3.78 -37.13 -10.96
N LYS B 107 4.09 -38.09 -10.09
CA LYS B 107 5.33 -38.83 -10.20
C LYS B 107 5.23 -39.88 -11.30
N ARG B 108 6.36 -40.13 -11.96
CA ARG B 108 6.38 -41.14 -13.02
C ARG B 108 7.80 -41.66 -13.14
N THR B 109 7.95 -42.70 -13.97
CA THR B 109 9.26 -43.25 -14.27
C THR B 109 10.15 -42.17 -14.87
N VAL B 110 11.41 -42.16 -14.43
CA VAL B 110 12.36 -41.19 -14.95
C VAL B 110 12.41 -41.33 -16.47
N ALA B 111 12.32 -40.21 -17.16
CA ALA B 111 12.28 -40.20 -18.62
C ALA B 111 13.38 -39.29 -19.15
N ALA B 112 14.17 -39.81 -20.08
CA ALA B 112 15.26 -39.05 -20.69
C ALA B 112 14.72 -38.21 -21.84
N PRO B 113 15.19 -36.98 -21.99
CA PRO B 113 14.67 -36.10 -23.04
C PRO B 113 15.35 -36.30 -24.38
N SER B 114 14.56 -36.20 -25.44
CA SER B 114 15.10 -36.05 -26.78
C SER B 114 15.51 -34.60 -26.96
N VAL B 115 16.78 -34.36 -27.27
CA VAL B 115 17.31 -33.00 -27.35
C VAL B 115 17.40 -32.58 -28.80
N PHE B 116 16.97 -31.36 -29.09
CA PHE B 116 16.98 -30.80 -30.43
C PHE B 116 17.52 -29.38 -30.36
N ILE B 117 18.24 -28.98 -31.41
CA ILE B 117 18.71 -27.62 -31.55
C ILE B 117 18.23 -27.07 -32.89
N PHE B 118 18.01 -25.76 -32.94
CA PHE B 118 17.51 -25.08 -34.13
C PHE B 118 18.38 -23.87 -34.41
N PRO B 119 18.94 -23.76 -35.61
CA PRO B 119 19.73 -22.58 -35.96
C PRO B 119 18.83 -21.40 -36.24
N PRO B 120 19.36 -20.19 -36.23
CA PRO B 120 18.52 -19.02 -36.52
C PRO B 120 18.03 -19.06 -37.95
N SER B 121 16.76 -18.67 -38.14
CA SER B 121 16.24 -18.55 -39.49
C SER B 121 16.92 -17.39 -40.22
N ASP B 122 17.09 -17.55 -41.53
CA ASP B 122 17.74 -16.49 -42.32
C ASP B 122 16.87 -15.25 -42.20
N GLU B 123 15.57 -15.45 -42.36
CA GLU B 123 14.52 -14.40 -42.25
C GLU B 123 14.82 -13.47 -41.06
N GLN B 124 15.11 -14.04 -39.90
CA GLN B 124 15.50 -13.24 -38.76
C GLN B 124 16.86 -12.53 -38.88
N LEU B 125 17.83 -13.17 -39.54
CA LEU B 125 19.13 -12.54 -39.76
C LEU B 125 19.00 -11.26 -40.57
N LYS B 126 18.11 -11.25 -41.56
CA LYS B 126 17.85 -10.03 -42.32
C LYS B 126 17.37 -8.91 -41.40
N SER B 127 16.52 -9.25 -40.43
CA SER B 127 16.10 -8.26 -39.44
C SER B 127 17.30 -7.63 -38.74
N GLY B 128 18.19 -8.47 -38.21
CA GLY B 128 19.36 -7.97 -37.52
C GLY B 128 19.76 -8.78 -36.31
N THR B 129 18.96 -9.78 -35.95
CA THR B 129 19.23 -10.60 -34.78
C THR B 129 19.34 -12.07 -35.16
N ALA B 130 19.79 -12.89 -34.21
CA ALA B 130 19.92 -14.33 -34.39
C ALA B 130 19.63 -15.01 -33.07
N SER B 131 18.71 -15.98 -33.08
CA SER B 131 18.36 -16.72 -31.88
C SER B 131 18.43 -18.22 -32.17
N VAL B 132 19.26 -18.93 -31.41
CA VAL B 132 19.32 -20.39 -31.47
C VAL B 132 18.42 -20.91 -30.37
N VAL B 133 17.72 -22.00 -30.63
CA VAL B 133 16.75 -22.56 -29.69
C VAL B 133 17.15 -23.99 -29.40
N CYS B 134 17.15 -24.36 -28.12
CA CYS B 134 17.45 -25.74 -27.66
C CYS B 134 16.17 -26.32 -27.06
N LEU B 135 15.68 -27.44 -27.59
CA LEU B 135 14.39 -28.00 -27.12
C LEU B 135 14.57 -29.37 -26.44
N LEU B 136 14.17 -29.46 -25.17
CA LEU B 136 14.17 -30.73 -24.40
C LEU B 136 12.73 -31.26 -24.50
N ASN B 137 12.54 -32.49 -24.96
CA ASN B 137 11.18 -32.97 -25.19
C ASN B 137 10.86 -34.18 -24.30
N ASN B 138 9.70 -34.11 -23.66
CA ASN B 138 9.09 -35.23 -22.92
C ASN B 138 10.07 -35.93 -22.00
N PHE B 139 10.49 -35.19 -20.97
CA PHE B 139 11.44 -35.72 -19.95
C PHE B 139 10.88 -35.50 -18.55
N TYR B 140 11.21 -36.41 -17.64
CA TYR B 140 10.83 -36.36 -16.24
C TYR B 140 12.03 -36.80 -15.42
N PRO B 141 12.27 -36.18 -14.25
CA PRO B 141 11.54 -35.07 -13.61
C PRO B 141 11.76 -33.69 -14.25
N ARG B 142 11.03 -32.70 -13.74
CA ARG B 142 11.14 -31.34 -14.27
C ARG B 142 12.56 -30.78 -14.16
N GLU B 143 13.25 -31.09 -13.07
CA GLU B 143 14.61 -30.61 -12.82
C GLU B 143 15.52 -30.97 -13.99
N ALA B 144 16.03 -29.93 -14.66
CA ALA B 144 16.92 -30.13 -15.82
C ALA B 144 18.04 -29.08 -15.77
N LYS B 145 19.03 -29.25 -16.64
CA LYS B 145 20.17 -28.35 -16.76
C LYS B 145 20.59 -28.24 -18.22
N VAL B 146 20.35 -27.05 -18.79
CA VAL B 146 20.71 -26.74 -20.22
C VAL B 146 21.81 -25.67 -20.19
N GLN B 147 22.92 -25.92 -20.93
CA GLN B 147 24.06 -25.01 -20.99
C GLN B 147 24.42 -24.72 -22.42
N TRP B 148 24.60 -23.44 -22.73
CA TRP B 148 24.98 -23.00 -24.05
C TRP B 148 26.49 -22.88 -24.14
N LYS B 149 27.08 -23.53 -25.16
CA LYS B 149 28.50 -23.43 -25.43
C LYS B 149 28.65 -22.96 -26.87
N VAL B 150 29.20 -21.76 -27.04
CA VAL B 150 29.51 -21.20 -28.35
C VAL B 150 31.02 -21.27 -28.55
N ASP B 151 31.45 -22.02 -29.55
CA ASP B 151 32.86 -22.32 -29.76
C ASP B 151 33.49 -22.83 -28.47
N ASN B 152 32.79 -23.77 -27.84
CA ASN B 152 33.17 -24.41 -26.58
C ASN B 152 33.39 -23.40 -25.46
N ALA B 153 32.67 -22.28 -25.47
CA ALA B 153 32.74 -21.30 -24.39
C ALA B 153 31.33 -21.17 -23.84
N LEU B 154 31.19 -21.31 -22.53
CA LEU B 154 29.87 -21.32 -21.92
C LEU B 154 29.29 -19.91 -21.92
N GLN B 155 27.98 -19.82 -22.10
CA GLN B 155 27.25 -18.57 -22.20
C GLN B 155 26.44 -18.27 -20.94
N SER B 156 26.12 -17.00 -20.77
CA SER B 156 25.36 -16.53 -19.62
C SER B 156 24.82 -15.11 -19.85
N GLY B 157 23.56 -14.88 -19.51
CA GLY B 157 22.94 -13.59 -19.73
C GLY B 157 22.60 -13.33 -21.17
N ASN B 158 22.32 -14.37 -21.93
CA ASN B 158 21.89 -14.25 -23.31
C ASN B 158 20.79 -15.26 -23.62
N SER B 159 20.45 -16.13 -22.67
CA SER B 159 19.49 -17.20 -22.88
C SER B 159 18.31 -17.06 -21.94
N GLN B 160 17.19 -17.66 -22.35
CA GLN B 160 15.94 -17.63 -21.61
C GLN B 160 15.22 -18.95 -21.82
N GLU B 161 14.86 -19.63 -20.73
CA GLU B 161 14.17 -20.94 -20.84
C GLU B 161 12.72 -20.83 -20.38
N SER B 162 11.92 -21.87 -20.65
CA SER B 162 10.49 -21.92 -20.28
C SER B 162 10.00 -23.36 -20.38
N VAL B 163 9.53 -23.93 -19.26
CA VAL B 163 9.05 -25.35 -19.24
C VAL B 163 7.52 -25.37 -19.29
N THR B 164 6.96 -26.31 -20.08
CA THR B 164 5.53 -26.50 -20.19
C THR B 164 4.98 -27.19 -18.95
N GLU B 165 3.66 -27.11 -18.80
CA GLU B 165 3.03 -27.81 -17.68
C GLU B 165 3.03 -29.31 -17.94
N GLN B 166 2.91 -30.07 -16.85
CA GLN B 166 2.95 -31.52 -16.96
C GLN B 166 1.87 -32.03 -17.91
N ASP B 167 2.29 -32.85 -18.86
CA ASP B 167 1.34 -33.39 -19.84
C ASP B 167 0.34 -34.33 -19.17
N SER B 168 -0.87 -34.37 -19.72
CA SER B 168 -1.93 -35.17 -19.12
C SER B 168 -1.87 -36.63 -19.58
N LYS B 169 -1.23 -36.93 -20.71
CA LYS B 169 -1.18 -38.30 -21.19
C LYS B 169 0.01 -39.09 -20.63
N ASP B 170 1.20 -38.49 -20.57
CA ASP B 170 2.40 -39.20 -20.15
C ASP B 170 3.10 -38.53 -18.96
N SER B 171 2.53 -37.46 -18.41
CA SER B 171 3.07 -36.80 -17.23
C SER B 171 4.53 -36.41 -17.41
N THR B 172 4.85 -35.85 -18.57
CA THR B 172 6.20 -35.43 -18.89
C THR B 172 6.29 -33.92 -19.04
N TYR B 173 7.52 -33.40 -18.95
CA TYR B 173 7.77 -31.94 -19.07
C TYR B 173 8.51 -31.64 -20.38
N SER B 174 8.61 -30.35 -20.73
CA SER B 174 9.29 -29.91 -21.96
C SER B 174 9.71 -28.44 -21.82
N LEU B 175 11.01 -28.16 -21.89
CA LEU B 175 11.53 -26.77 -21.76
C LEU B 175 12.15 -26.34 -23.09
N SER B 176 12.54 -25.06 -23.20
CA SER B 176 13.16 -24.53 -24.45
C SER B 176 14.08 -23.36 -24.11
N SER B 177 15.39 -23.55 -24.27
CA SER B 177 16.39 -22.49 -23.99
C SER B 177 16.62 -21.66 -25.26
N THR B 178 16.25 -20.37 -25.24
CA THR B 178 16.41 -19.51 -26.40
C THR B 178 17.64 -18.63 -26.23
N LEU B 179 18.68 -18.91 -27.01
CA LEU B 179 19.92 -18.15 -27.02
C LEU B 179 19.90 -17.14 -28.16
N THR B 180 19.97 -15.85 -27.82
CA THR B 180 19.80 -14.75 -28.77
C THR B 180 21.08 -13.92 -28.78
N LEU B 181 21.63 -13.68 -29.97
CA LEU B 181 22.82 -12.86 -30.15
C LEU B 181 22.59 -11.84 -31.25
N SER B 182 23.48 -10.85 -31.32
CA SER B 182 23.43 -9.90 -32.42
C SER B 182 23.89 -10.57 -33.71
N LYS B 183 23.40 -10.09 -34.85
CA LYS B 183 23.83 -10.65 -36.12
C LYS B 183 25.32 -10.43 -36.35
N ALA B 184 25.84 -9.26 -35.95
CA ALA B 184 27.27 -8.99 -36.08
C ALA B 184 28.01 -9.99 -35.19
N ASP B 185 27.63 -10.06 -33.92
CA ASP B 185 28.30 -10.96 -32.98
C ASP B 185 28.06 -12.48 -33.15
N TYR B 186 26.88 -12.83 -33.70
CA TYR B 186 26.69 -14.19 -34.20
C TYR B 186 27.58 -14.69 -35.33
N GLU B 187 27.80 -13.84 -36.34
CA GLU B 187 28.53 -14.15 -37.55
C GLU B 187 29.98 -14.53 -37.31
N LYS B 188 30.51 -14.29 -36.11
CA LYS B 188 31.94 -14.47 -35.87
C LYS B 188 32.30 -15.84 -35.35
N HIS B 189 31.34 -16.61 -34.87
CA HIS B 189 31.62 -17.89 -34.27
C HIS B 189 31.18 -19.01 -35.22
N LYS B 190 31.53 -20.25 -34.89
CA LYS B 190 31.20 -21.34 -35.79
C LYS B 190 30.28 -22.37 -35.15
N VAL B 191 30.69 -23.01 -34.06
CA VAL B 191 29.92 -24.13 -33.50
C VAL B 191 28.99 -23.63 -32.39
N TYR B 192 27.76 -24.13 -32.39
CA TYR B 192 26.74 -23.74 -31.41
C TYR B 192 26.15 -25.00 -30.82
N ALA B 193 26.19 -25.11 -29.49
CA ALA B 193 25.75 -26.32 -28.82
C ALA B 193 25.08 -25.99 -27.50
N CYS B 194 24.12 -26.83 -27.12
CA CYS B 194 23.50 -26.79 -25.80
C CYS B 194 23.75 -28.11 -25.07
N GLU B 195 24.34 -28.03 -23.88
CA GLU B 195 24.61 -29.19 -23.05
C GLU B 195 23.42 -29.47 -22.14
N VAL B 196 23.05 -30.75 -22.03
CA VAL B 196 21.87 -31.16 -21.28
C VAL B 196 22.28 -32.17 -20.20
N THR B 197 22.03 -31.83 -18.94
CA THR B 197 22.27 -32.70 -17.79
C THR B 197 20.93 -33.00 -17.14
N HIS B 198 20.53 -34.27 -17.15
CA HIS B 198 19.26 -34.69 -16.59
C HIS B 198 19.48 -35.84 -15.61
N GLN B 199 18.44 -36.16 -14.83
CA GLN B 199 18.47 -37.30 -13.93
C GLN B 199 18.27 -38.62 -14.66
N GLY B 200 17.80 -38.59 -15.90
CA GLY B 200 17.57 -39.82 -16.66
C GLY B 200 18.48 -39.98 -17.85
N LEU B 201 19.61 -39.27 -17.84
CA LEU B 201 20.63 -39.40 -18.87
C LEU B 201 21.91 -39.94 -18.25
N SER B 202 22.46 -40.98 -18.87
CA SER B 202 23.69 -41.60 -18.37
C SER B 202 24.86 -40.61 -18.38
N SER B 203 25.01 -39.87 -19.47
CA SER B 203 26.08 -38.90 -19.64
C SER B 203 25.51 -37.70 -20.40
N PRO B 204 26.04 -36.50 -20.17
CA PRO B 204 25.48 -35.30 -20.81
C PRO B 204 25.35 -35.45 -22.32
N VAL B 205 24.16 -35.11 -22.83
CA VAL B 205 23.89 -35.13 -24.26
C VAL B 205 23.89 -33.71 -24.79
N THR B 206 24.64 -33.47 -25.87
CA THR B 206 24.75 -32.15 -26.48
C THR B 206 24.56 -32.29 -27.98
N LYS B 207 23.65 -31.50 -28.54
CA LYS B 207 23.37 -31.51 -29.97
C LYS B 207 23.74 -30.14 -30.52
N SER B 208 24.55 -30.11 -31.57
CA SER B 208 25.06 -28.81 -32.05
C SER B 208 25.09 -28.72 -33.57
N PHE B 209 25.61 -27.60 -34.03
CA PHE B 209 25.76 -27.26 -35.46
C PHE B 209 26.84 -26.20 -35.58
N ASN B 210 27.58 -26.17 -36.68
CA ASN B 210 28.68 -25.19 -36.87
C ASN B 210 28.48 -24.37 -38.13
N ARG B 211 28.18 -23.09 -38.00
CA ARG B 211 28.08 -22.10 -39.10
C ARG B 211 28.01 -20.71 -38.49
N GLY B 212 27.69 -19.69 -39.27
CA GLY B 212 27.65 -18.33 -38.70
C GLY B 212 28.55 -17.36 -39.43
N SER C 7 -24.44 6.03 5.24
CA SER C 7 -24.64 4.72 4.58
C SER C 7 -23.50 3.80 4.96
N TYR C 8 -23.82 2.62 5.47
CA TYR C 8 -22.78 1.68 5.92
C TYR C 8 -22.96 0.33 5.22
N SER C 9 -21.91 -0.47 5.25
CA SER C 9 -21.87 -1.82 4.65
C SER C 9 -22.29 -2.83 5.71
N LEU C 10 -22.72 -4.02 5.32
CA LEU C 10 -23.14 -4.96 6.37
C LEU C 10 -21.91 -5.63 6.91
N CYS C 11 -21.92 -5.99 8.18
CA CYS C 11 -20.75 -6.64 8.81
C CYS C 11 -20.52 -7.98 8.14
N THR C 12 -19.27 -8.38 8.07
CA THR C 12 -18.92 -9.64 7.38
C THR C 12 -18.38 -10.64 8.39
N ALA C 13 -18.47 -10.34 9.68
CA ALA C 13 -17.89 -11.31 10.63
C ALA C 13 -18.99 -12.17 11.22
N ALA C 14 -18.68 -12.83 12.33
CA ALA C 14 -19.63 -13.71 12.97
C ALA C 14 -20.18 -13.07 14.23
N PHE C 15 -21.46 -13.36 14.50
CA PHE C 15 -22.18 -12.87 15.67
C PHE C 15 -22.37 -14.01 16.67
N THR C 16 -22.72 -13.65 17.91
CA THR C 16 -22.90 -14.66 18.98
C THR C 16 -24.23 -14.41 19.71
N PHE C 17 -24.73 -15.44 20.41
CA PHE C 17 -25.98 -15.34 21.20
C PHE C 17 -25.65 -15.50 22.68
N THR C 18 -25.57 -14.38 23.41
CA THR C 18 -25.22 -14.39 24.85
C THR C 18 -26.49 -14.51 25.71
N LYS C 19 -26.63 -13.62 26.69
CA LYS C 19 -27.79 -13.62 27.63
C LYS C 19 -29.12 -13.78 26.87
N ILE C 20 -29.70 -14.99 26.91
CA ILE C 20 -31.00 -15.28 26.22
C ILE C 20 -32.11 -14.56 26.98
N PRO C 21 -33.21 -14.13 26.31
CA PRO C 21 -34.31 -13.44 26.99
C PRO C 21 -35.19 -14.39 27.82
N THR C 24 -40.39 -11.42 28.00
CA THR C 24 -40.57 -10.49 26.85
C THR C 24 -41.01 -9.11 27.36
N LEU C 25 -41.61 -8.31 26.49
CA LEU C 25 -42.08 -6.94 26.87
C LEU C 25 -43.57 -6.81 26.51
N HIS C 26 -44.36 -7.85 26.82
CA HIS C 26 -45.82 -7.84 26.53
C HIS C 26 -46.06 -7.46 25.07
N GLY C 27 -45.39 -8.16 24.14
CA GLY C 27 -45.54 -7.89 22.70
C GLY C 27 -44.22 -8.01 21.96
N THR C 28 -43.27 -7.11 22.26
CA THR C 28 -41.94 -7.10 21.59
C THR C 28 -41.00 -8.06 22.33
N VAL C 29 -39.81 -8.29 21.78
CA VAL C 29 -38.79 -9.19 22.40
C VAL C 29 -37.43 -8.50 22.36
N THR C 30 -36.50 -8.93 23.21
CA THR C 30 -35.14 -8.33 23.26
C THR C 30 -34.08 -9.44 23.28
N VAL C 31 -32.95 -9.22 22.58
CA VAL C 31 -31.85 -10.22 22.53
C VAL C 31 -30.53 -9.47 22.41
N GLU C 32 -29.49 -9.97 23.05
CA GLU C 32 -28.16 -9.34 23.07
C GLU C 32 -27.22 -10.21 22.25
N VAL C 33 -26.40 -9.57 21.41
CA VAL C 33 -25.48 -10.23 20.50
C VAL C 33 -24.06 -9.70 20.72
N GLN C 34 -23.09 -10.50 20.30
CA GLN C 34 -21.68 -10.17 20.46
C GLN C 34 -20.98 -10.38 19.12
N TYR C 35 -20.46 -9.30 18.55
CA TYR C 35 -19.82 -9.29 17.23
C TYR C 35 -18.32 -9.50 17.35
N ALA C 36 -17.86 -10.53 16.67
CA ALA C 36 -16.44 -10.87 16.66
C ALA C 36 -15.85 -10.31 15.37
N GLY C 37 -15.68 -9.01 15.28
CA GLY C 37 -15.13 -8.48 14.02
C GLY C 37 -14.52 -7.12 14.19
N THR C 38 -13.71 -6.72 13.21
CA THR C 38 -12.98 -5.45 13.26
C THR C 38 -13.37 -4.60 12.07
N ASP C 39 -14.50 -4.85 11.44
CA ASP C 39 -14.80 -3.98 10.28
C ASP C 39 -15.79 -2.91 10.68
N GLY C 40 -16.05 -2.79 11.97
CA GLY C 40 -17.01 -1.80 12.46
C GLY C 40 -16.62 -0.43 11.98
N PRO C 41 -17.54 0.38 11.51
CA PRO C 41 -18.91 0.30 11.91
C PRO C 41 -19.70 -0.20 10.72
N CYS C 42 -20.42 -1.30 10.90
CA CYS C 42 -21.21 -1.92 9.81
C CYS C 42 -22.63 -2.13 10.27
N LYS C 43 -23.52 -2.39 9.34
CA LYS C 43 -24.93 -2.62 9.66
C LYS C 43 -25.11 -4.03 10.21
N VAL C 44 -25.80 -4.13 11.35
CA VAL C 44 -26.06 -5.42 11.97
C VAL C 44 -27.28 -6.04 11.29
N PRO C 45 -27.14 -7.17 10.63
CA PRO C 45 -28.30 -7.80 9.98
C PRO C 45 -29.10 -8.60 10.98
N ALA C 46 -30.33 -8.15 11.25
CA ALA C 46 -31.22 -8.83 12.18
C ALA C 46 -32.61 -8.94 11.58
N GLN C 47 -33.26 -10.08 11.76
CA GLN C 47 -34.62 -10.33 11.20
C GLN C 47 -35.21 -11.61 11.79
N MET C 48 -36.48 -11.88 11.49
CA MET C 48 -37.15 -13.13 11.94
C MET C 48 -37.60 -13.90 10.71
N ALA C 49 -37.67 -15.22 10.78
CA ALA C 49 -38.08 -15.91 9.55
C ALA C 49 -38.65 -17.27 9.88
N VAL C 50 -38.85 -18.08 8.84
CA VAL C 50 -39.31 -19.49 8.94
C VAL C 50 -38.30 -20.39 8.23
N ASP C 51 -37.06 -19.89 8.21
CA ASP C 51 -35.77 -20.51 7.80
C ASP C 51 -35.69 -20.99 6.36
N MET C 52 -35.00 -22.12 6.23
CA MET C 52 -34.64 -22.97 5.04
C MET C 52 -35.65 -22.81 3.91
N GLN C 53 -35.80 -21.58 3.42
CA GLN C 53 -36.94 -21.26 2.54
C GLN C 53 -36.77 -19.82 2.08
N THR C 54 -35.54 -19.44 1.76
CA THR C 54 -35.24 -18.06 1.29
C THR C 54 -35.76 -17.10 2.38
N LEU C 55 -35.29 -17.27 3.61
CA LEU C 55 -35.63 -16.55 4.87
C LEU C 55 -36.45 -15.29 4.62
N THR C 56 -37.72 -15.41 4.32
CA THR C 56 -38.51 -14.20 4.02
C THR C 56 -38.68 -13.39 5.29
N PRO C 57 -38.23 -12.14 5.30
CA PRO C 57 -38.39 -11.34 6.49
C PRO C 57 -39.81 -11.19 7.04
N VAL C 58 -40.16 -11.93 8.09
CA VAL C 58 -41.47 -11.70 8.77
C VAL C 58 -41.20 -10.83 9.99
N GLY C 59 -42.23 -10.35 10.66
CA GLY C 59 -41.94 -9.55 11.85
C GLY C 59 -41.64 -8.11 11.52
N ARG C 60 -41.20 -7.37 12.53
CA ARG C 60 -40.99 -5.94 12.34
C ARG C 60 -39.58 -5.44 12.60
N LEU C 61 -38.86 -5.99 13.59
CA LEU C 61 -37.53 -5.52 13.94
C LEU C 61 -37.61 -4.04 14.36
N ILE C 62 -37.88 -3.82 15.64
CA ILE C 62 -38.19 -2.47 16.14
C ILE C 62 -36.95 -1.59 16.14
N THR C 63 -35.81 -2.12 16.62
CA THR C 63 -34.60 -1.32 16.81
C THR C 63 -34.22 -0.55 15.55
N ALA C 64 -34.05 0.76 15.71
CA ALA C 64 -33.82 1.60 14.55
C ALA C 64 -32.40 1.46 14.04
N ASN C 65 -32.30 1.02 12.79
CA ASN C 65 -31.11 0.97 11.97
C ASN C 65 -29.90 0.54 12.79
N PRO C 66 -29.86 -0.71 13.28
CA PRO C 66 -28.76 -1.13 14.16
C PRO C 66 -27.43 -1.15 13.44
N VAL C 67 -26.43 -0.53 14.06
CA VAL C 67 -25.08 -0.41 13.51
C VAL C 67 -24.07 -0.60 14.63
N ILE C 68 -23.01 -1.36 14.34
CA ILE C 68 -21.90 -1.52 15.26
C ILE C 68 -21.09 -0.23 15.16
N THR C 69 -21.19 0.63 16.17
CA THR C 69 -20.65 1.97 16.03
C THR C 69 -19.15 2.05 16.25
N GLU C 70 -18.50 0.96 16.62
CA GLU C 70 -17.08 0.97 16.90
C GLU C 70 -16.39 -0.15 16.13
N SER C 71 -15.10 0.07 15.82
CA SER C 71 -14.27 -0.90 15.11
C SER C 71 -13.53 -1.85 16.05
N THR C 72 -13.97 -1.96 17.30
CA THR C 72 -13.36 -2.86 18.27
C THR C 72 -14.10 -4.20 18.37
N GLU C 73 -13.34 -5.25 18.65
CA GLU C 73 -13.87 -6.61 18.72
C GLU C 73 -14.85 -6.79 19.87
N ASN C 74 -15.69 -7.82 19.75
CA ASN C 74 -16.62 -8.27 20.80
C ASN C 74 -17.39 -7.12 21.43
N SER C 75 -18.08 -6.37 20.58
CA SER C 75 -19.01 -5.35 21.04
C SER C 75 -20.35 -5.97 21.39
N LYS C 76 -21.03 -5.40 22.38
CA LYS C 76 -22.34 -5.86 22.78
C LYS C 76 -23.43 -5.00 22.17
N MET C 77 -24.61 -5.60 21.96
CA MET C 77 -25.70 -4.91 21.33
C MET C 77 -27.07 -5.36 21.76
N MET C 78 -27.94 -4.41 22.08
CA MET C 78 -29.29 -4.71 22.51
C MET C 78 -30.17 -4.52 21.29
N LEU C 79 -30.93 -5.54 20.94
CA LEU C 79 -31.81 -5.48 19.79
C LEU C 79 -33.18 -5.95 20.23
N GLU C 80 -34.21 -5.20 19.85
CA GLU C 80 -35.58 -5.55 20.18
C GLU C 80 -36.35 -5.68 18.88
N LEU C 81 -37.09 -6.78 18.75
CA LEU C 81 -37.78 -7.12 17.51
C LEU C 81 -39.22 -7.49 17.84
N ASP C 82 -40.04 -7.47 16.79
CA ASP C 82 -41.48 -7.77 16.87
C ASP C 82 -41.67 -9.10 16.16
N PRO C 83 -41.56 -10.22 16.87
CA PRO C 83 -41.64 -11.49 16.25
C PRO C 83 -43.10 -11.88 16.04
N PRO C 84 -43.47 -12.73 15.07
CA PRO C 84 -44.85 -13.08 14.93
C PRO C 84 -45.24 -14.13 15.95
N PHE C 85 -46.54 -14.31 16.11
CA PHE C 85 -47.08 -15.32 17.04
C PHE C 85 -46.73 -16.71 16.55
N GLY C 86 -46.51 -17.61 17.48
CA GLY C 86 -46.18 -19.00 17.16
C GLY C 86 -44.69 -19.21 17.25
N ASP C 87 -44.25 -20.26 16.59
CA ASP C 87 -42.83 -20.64 16.50
C ASP C 87 -42.21 -19.80 15.40
N SER C 88 -40.98 -19.33 15.64
CA SER C 88 -40.23 -18.49 14.66
C SER C 88 -38.72 -18.72 14.85
N TYR C 89 -37.89 -18.07 14.03
CA TYR C 89 -36.42 -18.24 14.12
C TYR C 89 -35.73 -16.87 13.97
N ILE C 90 -35.29 -16.28 15.07
CA ILE C 90 -34.63 -14.94 15.06
C ILE C 90 -33.26 -15.05 14.39
N VAL C 91 -33.16 -14.62 13.12
CA VAL C 91 -31.88 -14.69 12.36
C VAL C 91 -31.08 -13.41 12.63
N ILE C 92 -29.82 -13.55 13.05
CA ILE C 92 -28.94 -12.37 13.34
C ILE C 92 -27.67 -12.49 12.48
N GLY C 93 -27.69 -11.88 11.29
CA GLY C 93 -26.54 -11.92 10.37
C GLY C 93 -27.00 -12.03 8.92
N VAL C 94 -26.06 -12.33 8.00
CA VAL C 94 -26.43 -12.45 6.57
C VAL C 94 -25.24 -13.17 5.94
N GLY C 95 -25.43 -14.34 5.36
CA GLY C 95 -24.25 -14.99 4.78
C GLY C 95 -24.13 -16.40 5.22
N GLU C 96 -23.03 -16.82 5.85
CA GLU C 96 -22.82 -18.24 6.27
C GLU C 96 -22.65 -18.29 7.79
N LYS C 97 -22.42 -17.12 8.40
CA LYS C 97 -22.28 -17.00 9.88
C LYS C 97 -23.64 -16.54 10.44
N LYS C 98 -24.69 -16.56 9.62
CA LYS C 98 -26.05 -16.15 10.07
C LYS C 98 -26.55 -17.13 11.14
N ILE C 99 -26.68 -16.65 12.38
CA ILE C 99 -27.16 -17.50 13.52
C ILE C 99 -28.69 -17.54 13.49
N THR C 100 -29.28 -18.57 14.11
CA THR C 100 -30.76 -18.73 14.16
C THR C 100 -31.18 -19.33 15.50
N HIS C 101 -32.30 -18.85 16.06
CA HIS C 101 -32.84 -19.35 17.35
C HIS C 101 -34.28 -19.81 17.16
N HIS C 102 -35.04 -19.92 18.26
CA HIS C 102 -36.45 -20.36 18.20
C HIS C 102 -37.29 -19.47 19.13
N TRP C 103 -38.48 -19.06 18.68
CA TRP C 103 -39.35 -18.21 19.50
C TRP C 103 -40.76 -18.73 19.46
N HIS C 104 -41.52 -18.39 20.49
CA HIS C 104 -42.93 -18.79 20.55
C HIS C 104 -43.65 -17.57 21.11
N ARG C 105 -44.76 -17.14 20.51
CA ARG C 105 -45.42 -15.93 21.09
C ARG C 105 -46.79 -16.29 21.68
N SER C 106 -46.93 -16.06 22.99
CA SER C 106 -48.11 -16.22 23.87
C SER C 106 -49.33 -16.81 23.17
N GLY C 107 -49.36 -18.13 22.96
CA GLY C 107 -50.53 -18.75 22.31
C GLY C 107 -51.50 -19.31 23.34
N GLU D 1 -17.38 15.17 6.38
CA GLU D 1 -17.94 16.37 5.76
C GLU D 1 -17.02 17.57 6.01
N VAL D 2 -16.28 17.54 7.12
CA VAL D 2 -15.43 18.67 7.48
C VAL D 2 -14.38 18.87 6.40
N GLN D 3 -14.29 20.09 5.88
CA GLN D 3 -13.32 20.47 4.87
C GLN D 3 -12.60 21.73 5.32
N LEU D 4 -11.28 21.73 5.20
CA LEU D 4 -10.45 22.86 5.59
C LEU D 4 -9.55 23.16 4.40
N LEU D 5 -9.42 24.45 4.07
CA LEU D 5 -8.74 24.89 2.86
C LEU D 5 -7.84 26.06 3.23
N GLU D 6 -6.56 25.78 3.45
CA GLU D 6 -5.61 26.86 3.65
C GLU D 6 -5.26 27.48 2.31
N SER D 7 -5.06 28.80 2.31
CA SER D 7 -4.64 29.52 1.12
C SER D 7 -4.00 30.83 1.57
N GLY D 8 -3.23 31.42 0.67
CA GLY D 8 -2.60 32.70 0.93
C GLY D 8 -1.14 32.62 1.24
N GLY D 9 -0.53 31.44 1.07
CA GLY D 9 0.86 31.24 1.34
C GLY D 9 1.66 31.24 0.05
N GLY D 10 2.95 31.16 0.20
CA GLY D 10 3.76 31.19 -0.99
C GLY D 10 5.16 31.64 -0.68
N LEU D 11 5.76 32.28 -1.68
CA LEU D 11 7.11 32.79 -1.57
C LEU D 11 7.02 34.20 -1.02
N VAL D 12 7.84 34.48 0.00
CA VAL D 12 7.82 35.77 0.66
C VAL D 12 9.25 36.17 1.01
N GLN D 13 9.53 37.44 0.92
CA GLN D 13 10.88 37.92 1.19
C GLN D 13 11.14 37.94 2.70
N PRO D 14 12.39 37.74 3.12
CA PRO D 14 12.70 37.83 4.56
C PRO D 14 12.39 39.22 5.09
N GLY D 15 11.66 39.26 6.20
CA GLY D 15 11.22 40.52 6.76
C GLY D 15 9.86 40.95 6.27
N GLY D 16 9.36 40.26 5.25
CA GLY D 16 8.08 40.58 4.62
C GLY D 16 6.91 40.02 5.38
N SER D 17 5.71 40.28 4.90
CA SER D 17 4.51 39.84 5.63
C SER D 17 3.63 38.99 4.72
N LEU D 18 2.69 38.27 5.31
CA LEU D 18 1.81 37.36 4.55
C LEU D 18 0.60 37.12 5.42
N ARG D 19 -0.57 37.21 4.85
CA ARG D 19 -1.83 36.83 5.55
C ARG D 19 -2.36 35.51 4.97
N LEU D 20 -2.66 34.54 5.84
CA LEU D 20 -3.17 33.25 5.42
C LEU D 20 -4.67 33.18 5.70
N SER D 21 -5.35 32.31 4.95
CA SER D 21 -6.76 32.08 5.13
C SER D 21 -7.02 30.58 5.30
N CYS D 22 -8.23 30.25 5.77
CA CYS D 22 -8.63 28.86 5.96
C CYS D 22 -10.16 28.80 5.85
N ALA D 23 -10.66 28.22 4.76
CA ALA D 23 -12.10 28.15 4.51
C ALA D 23 -12.65 26.87 5.12
N ALA D 24 -13.34 27.01 6.25
CA ALA D 24 -14.01 25.88 6.90
C ALA D 24 -15.42 25.74 6.33
N SER D 25 -15.87 24.51 6.18
CA SER D 25 -17.13 24.26 5.49
C SER D 25 -18.09 23.32 6.22
N GLY D 26 -17.55 22.31 6.91
CA GLY D 26 -18.39 21.20 7.33
C GLY D 26 -18.89 21.18 8.77
N PHE D 27 -18.93 22.31 9.45
CA PHE D 27 -19.38 22.33 10.84
C PHE D 27 -19.80 23.74 11.20
N THR D 28 -20.30 23.90 12.42
CA THR D 28 -20.67 25.22 12.92
C THR D 28 -19.37 25.93 13.31
N PHE D 29 -18.87 26.77 12.39
CA PHE D 29 -17.59 27.43 12.58
C PHE D 29 -17.59 28.28 13.84
N SER D 30 -18.69 28.96 14.07
CA SER D 30 -18.78 29.94 15.17
C SER D 30 -18.66 29.23 16.50
N SER D 31 -18.98 27.95 16.48
CA SER D 31 -19.12 27.18 17.75
C SER D 31 -17.81 26.55 18.14
N TYR D 32 -16.71 26.86 17.47
CA TYR D 32 -15.51 26.06 17.79
C TYR D 32 -14.25 26.89 17.74
N ALA D 33 -13.24 26.48 18.51
CA ALA D 33 -11.92 27.13 18.52
C ALA D 33 -11.10 26.56 17.36
N MET D 34 -10.26 27.38 16.75
CA MET D 34 -9.42 26.96 15.60
C MET D 34 -7.97 27.26 15.93
N SER D 35 -7.07 26.51 15.35
CA SER D 35 -5.64 26.63 15.65
C SER D 35 -4.83 26.60 14.37
N TRP D 36 -3.57 27.03 14.49
CA TRP D 36 -2.59 26.95 13.41
C TRP D 36 -1.40 26.13 13.89
N VAL D 37 -1.00 25.13 13.11
CA VAL D 37 0.17 24.31 13.41
C VAL D 37 1.04 24.27 12.17
N ARG D 38 2.35 24.47 12.34
CA ARG D 38 3.27 24.47 11.21
C ARG D 38 4.27 23.33 11.35
N GLN D 39 4.89 22.98 10.21
CA GLN D 39 5.85 21.89 10.16
C GLN D 39 6.99 22.28 9.22
N ALA D 40 8.16 22.52 9.80
CA ALA D 40 9.32 22.81 8.97
C ALA D 40 9.75 21.56 8.21
N PRO D 41 10.21 21.71 6.97
CA PRO D 41 10.58 20.54 6.16
C PRO D 41 11.74 19.77 6.78
N GLY D 42 11.47 18.53 7.17
CA GLY D 42 12.46 17.69 7.80
C GLY D 42 12.38 17.63 9.31
N LYS D 43 11.45 18.37 9.91
CA LYS D 43 11.30 18.44 11.35
C LYS D 43 9.87 18.08 11.73
N GLY D 44 9.56 18.24 13.01
CA GLY D 44 8.28 17.82 13.55
C GLY D 44 7.23 18.89 13.46
N LEU D 45 6.15 18.68 14.22
CA LEU D 45 5.02 19.60 14.25
C LEU D 45 5.19 20.58 15.39
N GLU D 46 5.04 21.87 15.09
CA GLU D 46 5.11 22.94 16.07
C GLU D 46 3.82 23.72 16.06
N TRP D 47 3.28 24.01 17.24
CA TRP D 47 2.04 24.76 17.35
C TRP D 47 2.31 26.26 17.27
N VAL D 48 1.55 26.96 16.44
CA VAL D 48 1.80 28.38 16.19
C VAL D 48 0.86 29.23 17.03
N SER D 49 -0.44 29.12 16.77
CA SER D 49 -1.42 29.98 17.43
C SER D 49 -2.78 29.32 17.42
N ALA D 50 -3.67 29.80 18.30
CA ALA D 50 -5.03 29.24 18.42
C ALA D 50 -5.99 30.36 18.85
N ILE D 51 -7.14 30.47 18.18
CA ILE D 51 -8.10 31.54 18.52
C ILE D 51 -9.39 30.85 18.84
N SER D 52 -10.20 31.44 19.68
CA SER D 52 -11.46 30.81 20.14
C SER D 52 -12.57 30.88 19.11
N GLY D 53 -13.73 30.41 19.51
CA GLY D 53 -14.87 30.52 18.58
C GLY D 53 -15.45 31.89 18.75
N SER D 54 -15.42 32.37 19.97
CA SER D 54 -15.96 33.71 20.14
C SER D 54 -15.02 34.78 19.59
N GLY D 55 -13.72 34.48 19.49
CA GLY D 55 -12.74 35.43 19.03
C GLY D 55 -12.16 36.30 20.11
N GLY D 56 -12.72 36.24 21.33
CA GLY D 56 -12.21 37.03 22.43
C GLY D 56 -10.96 36.49 23.06
N SER D 57 -10.62 35.23 22.79
CA SER D 57 -9.43 34.61 23.34
C SER D 57 -8.52 34.18 22.20
N THR D 58 -7.25 34.56 22.31
CA THR D 58 -6.25 34.24 21.30
C THR D 58 -4.96 33.85 22.02
N TYR D 59 -4.39 32.72 21.58
CA TYR D 59 -3.15 32.16 22.19
C TYR D 59 -2.05 32.08 21.12
N TYR D 60 -0.81 32.37 21.54
CA TYR D 60 0.32 32.39 20.62
C TYR D 60 1.50 31.67 21.25
N ALA D 61 2.36 31.15 20.39
CA ALA D 61 3.59 30.45 20.82
C ALA D 61 4.69 31.47 20.97
N ASP D 62 5.67 31.26 21.84
CA ASP D 62 6.68 32.31 22.04
C ASP D 62 7.43 32.60 20.74
N SER D 63 7.76 31.59 19.97
CA SER D 63 8.51 31.82 18.71
C SER D 63 7.71 32.67 17.74
N VAL D 64 6.49 33.02 18.08
CA VAL D 64 5.63 33.74 17.15
C VAL D 64 5.06 35.01 17.77
N LYS D 65 4.93 35.08 19.10
CA LYS D 65 4.25 36.17 19.78
C LYS D 65 4.83 37.53 19.41
N GLY D 66 3.94 38.52 19.30
CA GLY D 66 4.32 39.87 18.94
C GLY D 66 4.71 40.05 17.50
N ARG D 67 4.57 39.03 16.67
CA ARG D 67 4.85 39.11 15.25
C ARG D 67 3.71 38.59 14.41
N PHE D 68 3.06 37.51 14.82
CA PHE D 68 1.88 37.01 14.13
C PHE D 68 0.63 37.43 14.88
N THR D 69 -0.50 37.41 14.18
CA THR D 69 -1.78 37.78 14.79
C THR D 69 -2.87 36.93 14.16
N ILE D 70 -3.60 36.17 14.98
CA ILE D 70 -4.66 35.30 14.51
C ILE D 70 -5.98 36.04 14.61
N SER D 71 -6.83 35.86 13.60
CA SER D 71 -8.10 36.55 13.52
C SER D 71 -9.16 35.62 12.96
N ARG D 72 -10.42 35.96 13.25
CA ARG D 72 -11.56 35.13 12.89
C ARG D 72 -12.62 35.99 12.22
N ASP D 73 -13.33 35.39 11.28
CA ASP D 73 -14.48 36.05 10.63
C ASP D 73 -15.59 34.99 10.53
N ASN D 74 -16.43 34.94 11.58
CA ASN D 74 -17.50 33.95 11.62
C ASN D 74 -18.58 34.20 10.57
N SER D 75 -18.58 35.37 9.95
CA SER D 75 -19.54 35.65 8.88
C SER D 75 -19.18 34.86 7.62
N LYS D 76 -17.89 34.67 7.35
CA LYS D 76 -17.44 34.00 6.14
C LYS D 76 -16.87 32.62 6.42
N ASN D 77 -16.95 32.15 7.67
CA ASN D 77 -16.45 30.82 8.05
C ASN D 77 -15.01 30.62 7.59
N THR D 78 -14.19 31.65 7.82
CA THR D 78 -12.77 31.60 7.46
C THR D 78 -11.93 32.01 8.65
N LEU D 79 -10.71 31.49 8.67
CA LEU D 79 -9.74 31.80 9.71
C LEU D 79 -8.51 32.42 9.05
N TYR D 80 -8.00 33.48 9.67
CA TYR D 80 -6.88 34.20 9.10
C TYR D 80 -5.67 34.11 10.03
N LEU D 81 -4.51 34.42 9.47
CA LEU D 81 -3.27 34.46 10.23
C LEU D 81 -2.38 35.53 9.63
N GLN D 82 -2.27 36.67 10.31
CA GLN D 82 -1.40 37.75 9.85
C GLN D 82 0.02 37.47 10.35
N MET D 83 0.95 37.26 9.42
CA MET D 83 2.34 36.98 9.75
C MET D 83 3.19 38.19 9.38
N ASN D 84 3.79 38.81 10.39
CA ASN D 84 4.55 40.03 10.21
C ASN D 84 6.01 39.76 10.55
N SER D 85 6.92 40.49 9.91
CA SER D 85 8.36 40.35 10.16
C SER D 85 8.79 38.89 10.08
N LEU D 86 8.72 38.35 8.87
CA LEU D 86 9.01 36.94 8.64
C LEU D 86 10.51 36.69 8.62
N ARG D 87 10.93 35.57 9.21
CA ARG D 87 12.33 35.17 9.26
C ARG D 87 12.53 33.92 8.41
N ALA D 88 13.78 33.47 8.35
CA ALA D 88 14.11 32.28 7.56
C ALA D 88 13.70 30.99 8.26
N GLU D 89 13.52 31.00 9.57
CA GLU D 89 13.13 29.81 10.31
C GLU D 89 11.61 29.61 10.34
N ASP D 90 10.83 30.59 9.86
CA ASP D 90 9.39 30.44 9.80
C ASP D 90 8.92 29.73 8.53
N THR D 91 9.84 29.29 7.67
CA THR D 91 9.45 28.58 6.46
C THR D 91 8.96 27.18 6.83
N ALA D 92 7.70 26.89 6.52
CA ALA D 92 7.09 25.63 6.91
C ALA D 92 5.76 25.47 6.18
N VAL D 93 5.16 24.30 6.33
CA VAL D 93 3.81 24.06 5.85
C VAL D 93 2.85 24.44 6.97
N TYR D 94 1.98 25.41 6.71
CA TYR D 94 1.10 25.96 7.73
C TYR D 94 -0.26 25.27 7.65
N TYR D 95 -0.60 24.53 8.69
CA TYR D 95 -1.83 23.75 8.75
C TYR D 95 -2.90 24.52 9.50
N CYS D 96 -4.14 24.27 9.13
CA CYS D 96 -5.30 24.87 9.76
C CYS D 96 -6.08 23.74 10.42
N ALA D 97 -5.94 23.62 11.73
CA ALA D 97 -6.57 22.54 12.47
C ALA D 97 -7.72 23.07 13.30
N LYS D 98 -8.67 22.20 13.60
CA LYS D 98 -9.88 22.67 14.29
C LYS D 98 -10.04 21.89 15.59
N ASP D 99 -10.51 22.54 16.66
CA ASP D 99 -10.69 21.88 18.00
C ASP D 99 -11.69 20.73 17.92
N ARG D 100 -11.49 19.67 18.73
CA ARG D 100 -12.45 18.54 18.69
C ARG D 100 -13.80 18.96 19.22
N GLY D 101 -13.86 19.60 20.38
CA GLY D 101 -15.17 20.00 20.91
C GLY D 101 -15.46 21.48 20.77
N PRO D 102 -16.72 21.88 20.91
CA PRO D 102 -17.15 23.26 20.76
C PRO D 102 -16.80 24.08 22.00
N ARG D 103 -16.91 25.40 21.83
CA ARG D 103 -16.57 26.42 22.84
C ARG D 103 -15.35 25.97 23.62
N GLY D 104 -14.20 25.89 22.96
CA GLY D 104 -12.95 25.43 23.62
C GLY D 104 -11.84 26.46 23.51
N VAL D 105 -10.61 26.00 23.23
CA VAL D 105 -9.43 26.90 23.10
C VAL D 105 -8.53 26.40 21.97
N GLY D 106 -8.75 25.17 21.50
CA GLY D 106 -7.94 24.60 20.41
C GLY D 106 -6.92 23.59 20.91
N GLU D 107 -7.17 23.02 22.10
CA GLU D 107 -6.26 22.00 22.71
C GLU D 107 -5.94 20.91 21.69
N LEU D 108 -6.96 20.20 21.22
CA LEU D 108 -6.80 19.12 20.25
C LEU D 108 -7.10 19.61 18.85
N PHE D 109 -6.55 18.91 17.88
CA PHE D 109 -6.71 19.20 16.47
C PHE D 109 -7.42 18.02 15.85
N ASP D 110 -8.75 18.11 15.75
CA ASP D 110 -9.53 16.98 15.24
C ASP D 110 -9.28 16.80 13.75
N TYR D 111 -9.68 17.78 12.95
CA TYR D 111 -9.46 17.74 11.51
C TYR D 111 -8.34 18.69 11.16
N TRP D 112 -7.62 18.33 10.11
CA TRP D 112 -6.49 19.12 9.64
C TRP D 112 -6.73 19.44 8.18
N GLY D 113 -6.18 20.56 7.75
CA GLY D 113 -6.17 20.85 6.34
C GLY D 113 -4.95 20.27 5.68
N GLN D 114 -4.95 20.32 4.35
CA GLN D 114 -3.81 19.78 3.62
C GLN D 114 -2.60 20.68 3.78
N GLY D 115 -2.83 21.96 4.03
CA GLY D 115 -1.80 22.91 4.41
C GLY D 115 -1.58 23.93 3.32
N THR D 116 -0.73 24.90 3.64
CA THR D 116 -0.24 25.88 2.69
C THR D 116 1.23 26.10 2.99
N LEU D 117 2.05 26.15 1.95
CA LEU D 117 3.49 26.25 2.16
C LEU D 117 3.90 27.71 2.19
N VAL D 118 4.69 28.07 3.19
CA VAL D 118 5.26 29.40 3.30
C VAL D 118 6.76 29.23 3.20
N THR D 119 7.33 29.82 2.15
CA THR D 119 8.76 29.74 1.86
C THR D 119 9.32 31.14 1.97
N VAL D 120 10.17 31.37 2.96
CA VAL D 120 10.77 32.68 3.19
C VAL D 120 12.15 32.67 2.55
N SER D 121 12.29 33.42 1.46
CA SER D 121 13.56 33.50 0.76
C SER D 121 13.60 34.82 -0.01
N SER D 122 14.82 35.33 -0.21
CA SER D 122 15.07 36.52 -1.00
C SER D 122 15.63 36.19 -2.36
N ALA D 123 15.78 34.92 -2.68
CA ALA D 123 16.39 34.55 -3.94
C ALA D 123 15.39 34.72 -5.08
N SER D 124 15.91 34.68 -6.31
CA SER D 124 15.11 34.95 -7.49
C SER D 124 14.87 33.67 -8.27
N THR D 125 13.80 33.70 -9.06
CA THR D 125 13.50 32.55 -9.90
C THR D 125 14.68 32.23 -10.79
N LYS D 126 15.37 31.12 -10.51
CA LYS D 126 16.49 30.65 -11.30
C LYS D 126 16.35 29.28 -11.94
N GLY D 127 16.42 29.21 -13.26
CA GLY D 127 16.34 27.95 -13.96
C GLY D 127 17.62 27.20 -13.63
N PRO D 128 17.55 25.88 -13.57
CA PRO D 128 18.70 25.09 -13.11
C PRO D 128 19.74 24.88 -14.20
N SER D 129 20.90 24.41 -13.75
CA SER D 129 21.99 23.95 -14.60
C SER D 129 22.13 22.45 -14.38
N VAL D 130 22.18 21.70 -15.48
CA VAL D 130 22.30 20.20 -15.43
C VAL D 130 23.78 19.81 -15.37
N PHE D 131 24.08 18.68 -14.73
CA PHE D 131 25.46 18.17 -14.61
C PHE D 131 25.46 16.65 -14.77
N PRO D 132 26.14 16.08 -15.79
CA PRO D 132 26.17 14.63 -16.00
C PRO D 132 27.02 13.90 -14.97
N LEU D 133 26.48 12.83 -14.37
CA LEU D 133 27.20 12.02 -13.35
C LEU D 133 27.92 10.88 -14.07
N ALA D 134 29.05 11.19 -14.71
CA ALA D 134 29.85 10.20 -15.47
C ALA D 134 30.10 8.91 -14.71
N PRO D 135 29.78 7.75 -15.32
CA PRO D 135 29.99 6.44 -14.74
C PRO D 135 31.45 6.35 -14.28
N SER D 136 31.60 6.29 -12.97
CA SER D 136 32.89 6.29 -12.24
C SER D 136 33.53 4.90 -12.18
N SER D 137 33.93 4.49 -10.98
CA SER D 137 34.68 3.23 -10.78
C SER D 137 33.82 2.08 -10.24
N LYS D 138 32.92 1.58 -11.10
CA LYS D 138 32.00 0.42 -10.93
C LYS D 138 31.87 -0.02 -9.47
N THR D 144 28.47 -3.69 -11.15
CA THR D 144 27.32 -2.82 -11.50
C THR D 144 27.79 -1.37 -11.60
N ALA D 145 27.39 -0.67 -12.68
CA ALA D 145 27.79 0.74 -12.90
C ALA D 145 26.79 1.66 -12.18
N ALA D 146 27.10 2.97 -12.14
CA ALA D 146 26.22 3.95 -11.47
C ALA D 146 26.37 5.32 -12.14
N LEU D 147 25.34 5.77 -12.86
CA LEU D 147 25.36 7.08 -13.56
C LEU D 147 24.16 7.92 -13.08
N GLY D 148 24.10 9.21 -13.42
CA GLY D 148 22.97 10.05 -12.99
C GLY D 148 23.13 11.47 -13.49
N CYS D 149 22.31 12.39 -12.99
CA CYS D 149 22.40 13.84 -13.38
C CYS D 149 22.49 14.70 -12.12
N LEU D 150 22.87 15.98 -12.24
CA LEU D 150 22.95 16.87 -11.04
C LEU D 150 22.27 18.19 -11.34
N VAL D 151 21.04 18.39 -10.87
CA VAL D 151 20.34 19.68 -11.14
C VAL D 151 20.80 20.66 -10.09
N LYS D 152 21.20 21.85 -10.49
CA LYS D 152 21.85 22.70 -9.49
C LYS D 152 21.53 24.16 -9.68
N ASP D 153 21.52 24.87 -8.57
CA ASP D 153 21.31 26.33 -8.51
C ASP D 153 20.03 26.74 -9.23
N TYR D 154 18.91 26.21 -8.75
CA TYR D 154 17.59 26.61 -9.28
C TYR D 154 16.74 27.06 -8.11
N PHE D 155 15.66 27.75 -8.45
CA PHE D 155 14.67 28.28 -7.48
C PHE D 155 13.44 28.62 -8.27
N PRO D 156 12.21 28.34 -7.82
CA PRO D 156 11.91 27.80 -6.54
C PRO D 156 11.96 26.28 -6.52
N GLU D 157 11.43 25.67 -5.47
CA GLU D 157 11.54 24.22 -5.13
C GLU D 157 10.99 23.16 -6.08
N PRO D 158 9.90 23.29 -6.86
CA PRO D 158 9.41 22.14 -7.58
C PRO D 158 10.06 21.84 -8.92
N VAL D 159 10.82 20.75 -9.00
CA VAL D 159 11.46 20.35 -10.29
C VAL D 159 11.44 18.84 -10.37
N THR D 160 11.02 18.29 -11.52
CA THR D 160 10.93 16.83 -11.68
C THR D 160 11.82 16.41 -12.82
N VAL D 161 12.48 15.26 -12.69
CA VAL D 161 13.41 14.79 -13.74
C VAL D 161 13.15 13.32 -13.99
N SER D 162 13.08 12.91 -15.24
CA SER D 162 12.81 11.50 -15.60
C SER D 162 14.02 10.95 -16.34
N TRP D 163 14.02 9.65 -16.62
CA TRP D 163 15.16 9.02 -17.32
C TRP D 163 14.64 8.37 -18.59
N ASN D 164 15.13 8.80 -19.75
CA ASN D 164 14.73 8.23 -21.07
C ASN D 164 13.21 8.25 -21.11
N SER D 165 12.62 9.41 -20.96
CA SER D 165 11.14 9.54 -20.96
C SER D 165 10.55 8.59 -19.92
N GLY D 166 9.53 7.81 -20.24
CA GLY D 166 9.01 6.90 -19.19
C GLY D 166 9.71 5.56 -19.22
N ALA D 167 10.57 5.36 -20.21
CA ALA D 167 11.23 4.06 -20.39
C ALA D 167 12.03 3.63 -19.17
N LEU D 168 13.13 4.32 -18.87
CA LEU D 168 14.01 3.89 -17.75
C LEU D 168 13.26 4.08 -16.44
N THR D 169 13.07 3.02 -15.69
CA THR D 169 12.35 3.18 -14.42
C THR D 169 12.68 2.05 -13.48
N SER D 170 13.94 1.61 -13.45
CA SER D 170 14.36 0.54 -12.50
C SER D 170 15.73 0.90 -11.97
N GLY D 171 15.88 1.04 -10.65
CA GLY D 171 17.20 1.38 -10.11
C GLY D 171 17.40 2.88 -10.01
N VAL D 172 16.45 3.67 -10.47
CA VAL D 172 16.54 5.16 -10.42
C VAL D 172 16.16 5.64 -9.01
N HIS D 173 16.98 6.52 -8.42
CA HIS D 173 16.72 7.04 -7.06
C HIS D 173 16.70 8.57 -7.09
N THR D 174 15.50 9.16 -7.08
CA THR D 174 15.35 10.64 -7.10
C THR D 174 15.28 11.16 -5.66
N PHE D 175 16.43 11.45 -5.07
CA PHE D 175 16.51 11.96 -3.67
C PHE D 175 16.00 13.40 -3.62
N PRO D 176 15.47 13.88 -2.47
CA PRO D 176 14.96 15.24 -2.35
C PRO D 176 16.10 16.27 -2.40
N ALA D 177 15.81 17.48 -2.88
CA ALA D 177 16.82 18.54 -2.98
C ALA D 177 17.23 19.07 -1.62
N VAL D 178 18.40 19.71 -1.59
CA VAL D 178 18.92 20.32 -0.35
C VAL D 178 18.94 21.80 -0.61
N LEU D 179 18.54 22.61 0.35
CA LEU D 179 18.58 24.05 0.10
C LEU D 179 19.98 24.47 0.46
N GLN D 180 20.73 25.01 -0.49
CA GLN D 180 22.11 25.37 -0.15
C GLN D 180 22.15 26.76 0.49
N SER D 181 23.33 27.24 0.86
CA SER D 181 23.42 28.56 1.52
C SER D 181 23.39 29.72 0.51
N SER D 182 23.32 29.43 -0.78
CA SER D 182 23.16 30.44 -1.85
C SER D 182 21.70 30.82 -1.94
N GLY D 183 20.82 30.00 -1.37
CA GLY D 183 19.37 30.18 -1.35
C GLY D 183 18.73 29.37 -2.44
N LEU D 184 19.53 28.67 -3.22
CA LEU D 184 19.09 27.84 -4.34
C LEU D 184 19.12 26.37 -3.96
N TYR D 185 18.24 25.59 -4.55
CA TYR D 185 18.13 24.16 -4.23
C TYR D 185 19.03 23.40 -5.20
N SER D 186 19.42 22.19 -4.84
CA SER D 186 20.32 21.42 -5.72
C SER D 186 19.81 19.99 -5.68
N LEU D 187 19.64 19.34 -6.83
CA LEU D 187 19.04 17.98 -6.79
C LEU D 187 19.88 17.00 -7.58
N SER D 188 19.96 15.76 -7.09
CA SER D 188 20.76 14.70 -7.76
C SER D 188 19.93 13.42 -7.90
N SER D 189 19.61 13.05 -9.16
CA SER D 189 18.84 11.81 -9.45
C SER D 189 19.73 10.82 -10.19
N VAL D 190 20.04 9.68 -9.57
CA VAL D 190 20.93 8.67 -10.19
C VAL D 190 20.18 7.33 -10.37
N VAL D 191 20.71 6.46 -11.22
CA VAL D 191 20.12 5.12 -11.52
C VAL D 191 21.28 4.16 -11.64
N THR D 192 21.21 2.96 -11.05
CA THR D 192 22.31 1.98 -11.23
C THR D 192 22.07 1.17 -12.49
N VAL D 193 22.97 1.27 -13.48
CA VAL D 193 22.79 0.57 -14.77
C VAL D 193 23.56 -0.74 -14.79
N PRO D 194 23.26 -1.62 -15.76
CA PRO D 194 23.91 -2.91 -15.89
C PRO D 194 25.36 -2.78 -16.35
N SER D 195 26.29 -3.37 -15.58
CA SER D 195 27.76 -3.34 -15.78
C SER D 195 28.20 -3.26 -17.25
N SER D 196 27.70 -4.16 -18.10
CA SER D 196 28.09 -4.20 -19.51
C SER D 196 27.39 -3.14 -20.35
N SER D 197 26.15 -2.78 -19.99
CA SER D 197 25.35 -1.90 -20.84
C SER D 197 25.79 -0.45 -20.66
N LEU D 198 26.95 -0.14 -21.23
CA LEU D 198 27.42 1.23 -21.16
C LEU D 198 27.76 1.83 -22.51
N GLY D 199 28.29 1.03 -23.44
CA GLY D 199 28.43 1.49 -24.80
C GLY D 199 27.17 1.29 -25.61
N THR D 200 26.34 0.34 -25.20
CA THR D 200 25.13 -0.01 -25.91
C THR D 200 24.01 1.01 -25.68
N GLN D 201 23.51 1.07 -24.44
CA GLN D 201 22.38 1.92 -24.14
C GLN D 201 22.76 3.37 -23.91
N THR D 202 22.07 4.25 -24.62
CA THR D 202 22.34 5.69 -24.43
C THR D 202 21.53 6.14 -23.22
N TYR D 203 22.13 6.85 -22.29
CA TYR D 203 21.32 7.35 -21.17
C TYR D 203 21.23 8.87 -21.23
N ILE D 204 20.01 9.39 -21.21
CA ILE D 204 19.71 10.84 -21.26
C ILE D 204 18.76 11.14 -20.11
N CYS D 205 19.05 12.12 -19.26
CA CYS D 205 18.06 12.45 -18.21
C CYS D 205 17.35 13.72 -18.64
N ASN D 206 16.03 13.77 -18.44
CA ASN D 206 15.20 14.93 -18.80
C ASN D 206 14.81 15.71 -17.55
N VAL D 207 15.22 16.96 -17.43
CA VAL D 207 14.90 17.85 -16.30
C VAL D 207 13.80 18.80 -16.75
N ASN D 208 12.84 19.06 -15.86
CA ASN D 208 11.74 19.96 -16.18
C ASN D 208 11.48 20.85 -14.97
N HIS D 209 11.57 22.17 -15.17
CA HIS D 209 11.36 23.18 -14.13
C HIS D 209 10.23 24.10 -14.58
N LYS D 210 9.00 23.70 -14.26
CA LYS D 210 7.84 24.49 -14.66
C LYS D 210 7.86 25.95 -14.17
N PRO D 211 8.38 26.29 -13.00
CA PRO D 211 8.42 27.73 -12.63
C PRO D 211 9.26 28.59 -13.56
N SER D 212 10.25 28.02 -14.25
CA SER D 212 11.11 28.80 -15.13
C SER D 212 11.01 28.40 -16.60
N ASN D 213 10.11 27.48 -16.96
CA ASN D 213 9.96 27.01 -18.34
C ASN D 213 11.26 26.42 -18.87
N THR D 214 11.99 25.71 -18.01
CA THR D 214 13.26 25.10 -18.39
C THR D 214 13.07 23.61 -18.61
N LYS D 215 13.35 23.15 -19.82
CA LYS D 215 13.43 21.73 -20.14
C LYS D 215 14.82 21.47 -20.72
N VAL D 216 15.59 20.64 -20.03
CA VAL D 216 16.98 20.29 -20.41
C VAL D 216 17.12 18.78 -20.47
N ASP D 217 17.60 18.27 -21.60
CA ASP D 217 17.81 16.82 -21.75
C ASP D 217 19.32 16.64 -21.76
N LYS D 218 19.87 16.13 -20.68
CA LYS D 218 21.34 15.96 -20.63
C LYS D 218 21.69 14.55 -21.11
N ARG D 219 22.92 14.39 -21.55
CA ARG D 219 23.42 13.15 -22.14
C ARG D 219 24.56 12.71 -21.23
N VAL D 220 24.35 11.69 -20.43
CA VAL D 220 25.44 11.26 -19.52
C VAL D 220 26.32 10.30 -20.31
N GLU D 221 27.36 10.81 -20.95
CA GLU D 221 28.27 9.93 -21.72
C GLU D 221 29.38 9.53 -20.75
N PRO D 222 29.95 8.32 -20.78
CA PRO D 222 31.01 7.98 -19.86
C PRO D 222 32.35 8.52 -20.34
N LYS D 223 33.32 8.57 -19.43
CA LYS D 223 34.75 8.99 -19.59
C LYS D 223 35.35 9.14 -18.20
N ASP E 1 8.32 25.54 28.70
CA ASP E 1 7.02 24.84 28.52
C ASP E 1 7.25 23.34 28.67
N ILE E 2 6.17 22.57 28.59
CA ILE E 2 6.29 21.10 28.79
C ILE E 2 7.03 20.53 27.60
N GLN E 3 8.16 19.89 27.83
CA GLN E 3 8.94 19.31 26.73
C GLN E 3 8.56 17.85 26.61
N MET E 4 8.05 17.43 25.45
CA MET E 4 7.64 16.03 25.23
C MET E 4 8.78 15.34 24.55
N THR E 5 9.14 14.17 25.00
CA THR E 5 10.25 13.44 24.36
C THR E 5 9.75 12.03 24.02
N GLN E 6 9.53 11.74 22.74
CA GLN E 6 9.11 10.40 22.37
C GLN E 6 10.34 9.50 22.27
N SER E 7 10.09 8.20 22.16
CA SER E 7 11.17 7.22 22.02
C SER E 7 10.58 5.89 21.56
N PRO E 8 11.18 5.24 20.55
CA PRO E 8 12.44 5.68 19.93
C PRO E 8 12.22 6.65 18.76
N SER E 9 13.31 7.19 18.20
CA SER E 9 13.15 8.12 17.10
C SER E 9 12.76 7.40 15.81
N THR E 10 13.07 6.11 15.73
CA THR E 10 12.67 5.27 14.61
C THR E 10 12.61 3.81 15.04
N LEU E 11 11.46 3.18 14.85
CA LEU E 11 11.30 1.76 15.10
C LEU E 11 11.25 0.84 13.91
N SER E 12 11.89 -0.33 14.04
CA SER E 12 11.98 -1.30 12.93
C SER E 12 11.11 -2.53 13.22
N ALA E 13 10.12 -2.78 12.35
CA ALA E 13 9.24 -3.92 12.51
C ALA E 13 8.58 -4.21 11.17
N SER E 14 8.05 -5.42 11.05
CA SER E 14 7.36 -5.90 9.87
C SER E 14 5.88 -6.03 10.15
N VAL E 15 5.10 -6.26 9.09
CA VAL E 15 3.67 -6.40 9.25
C VAL E 15 3.39 -7.62 10.11
N GLY E 16 2.44 -7.49 11.02
CA GLY E 16 2.15 -8.53 11.99
C GLY E 16 2.77 -8.30 13.35
N ASP E 17 3.80 -7.46 13.42
CA ASP E 17 4.48 -7.17 14.67
C ASP E 17 3.59 -6.37 15.61
N ARG E 18 3.80 -6.56 16.90
CA ARG E 18 3.22 -5.68 17.91
C ARG E 18 4.29 -4.65 18.25
N VAL E 19 3.94 -3.37 18.12
CA VAL E 19 4.86 -2.28 18.40
C VAL E 19 4.27 -1.40 19.49
N THR E 20 5.14 -0.84 20.33
CA THR E 20 4.74 0.04 21.40
C THR E 20 5.67 1.24 21.41
N ILE E 21 5.09 2.42 21.29
CA ILE E 21 5.84 3.67 21.30
C ILE E 21 5.66 4.30 22.67
N THR E 22 6.68 5.03 23.11
CA THR E 22 6.63 5.67 24.41
C THR E 22 6.72 7.18 24.25
N CYS E 23 6.03 7.88 25.14
CA CYS E 23 6.05 9.33 25.21
C CYS E 23 6.11 9.74 26.67
N ARG E 24 7.16 10.48 27.04
CA ARG E 24 7.32 10.97 28.39
C ARG E 24 7.18 12.48 28.39
N ALA E 25 6.65 13.03 29.49
CA ALA E 25 6.48 14.48 29.63
C ALA E 25 7.50 15.02 30.61
N SER E 26 7.70 16.34 30.60
CA SER E 26 8.65 16.94 31.55
C SER E 26 8.00 16.98 32.91
N GLN E 27 6.69 17.09 32.96
CA GLN E 27 6.08 17.13 34.29
C GLN E 27 4.73 16.41 34.27
N SER E 28 4.10 16.26 35.42
CA SER E 28 2.82 15.52 35.46
C SER E 28 1.76 16.25 34.63
N ILE E 29 1.12 15.56 33.70
CA ILE E 29 0.06 16.16 32.84
C ILE E 29 -1.17 15.27 32.88
N SER E 30 -1.28 14.43 33.89
CA SER E 30 -2.42 13.51 34.02
C SER E 30 -2.66 12.73 32.74
N SER E 31 -3.81 12.89 32.12
CA SER E 31 -4.05 12.06 30.91
C SER E 31 -4.30 12.95 29.72
N TRP E 32 -3.97 14.23 29.83
CA TRP E 32 -4.21 15.13 28.71
C TRP E 32 -3.15 14.81 27.66
N LEU E 33 -3.41 13.78 26.85
CA LEU E 33 -2.42 13.33 25.89
C LEU E 33 -3.05 12.77 24.64
N ALA E 34 -2.63 13.29 23.48
CA ALA E 34 -3.13 12.86 22.19
C ALA E 34 -2.02 12.18 21.39
N TRP E 35 -2.43 11.45 20.36
CA TRP E 35 -1.52 10.77 19.45
C TRP E 35 -1.95 11.07 18.02
N TYR E 36 -0.98 11.22 17.11
CA TYR E 36 -1.27 11.53 15.72
C TYR E 36 -0.53 10.58 14.79
N GLN E 37 -1.00 10.54 13.54
CA GLN E 37 -0.40 9.77 12.46
C GLN E 37 -0.19 10.70 11.28
N GLN E 38 1.03 10.72 10.73
CA GLN E 38 1.36 11.59 9.62
C GLN E 38 2.07 10.80 8.52
N LYS E 39 1.50 10.82 7.33
CA LYS E 39 2.19 10.23 6.19
C LYS E 39 2.86 11.31 5.36
N PRO E 40 4.03 11.00 4.79
CA PRO E 40 4.78 12.00 4.01
C PRO E 40 3.93 12.57 2.88
N GLY E 41 3.74 13.88 2.93
CA GLY E 41 2.97 14.59 1.93
C GLY E 41 1.51 14.79 2.28
N LYS E 42 1.03 14.15 3.33
CA LYS E 42 -0.36 14.23 3.76
C LYS E 42 -0.44 14.93 5.11
N ALA E 43 -1.66 15.24 5.52
CA ALA E 43 -1.89 15.90 6.80
C ALA E 43 -1.96 14.89 7.93
N PRO E 44 -1.83 15.35 9.17
CA PRO E 44 -1.95 14.44 10.33
C PRO E 44 -3.38 13.98 10.56
N LYS E 45 -3.50 12.93 11.36
CA LYS E 45 -4.77 12.33 11.75
C LYS E 45 -4.81 12.21 13.26
N LEU E 46 -5.96 12.53 13.86
CA LEU E 46 -6.10 12.30 15.29
C LEU E 46 -6.40 10.82 15.50
N LEU E 47 -5.59 10.17 16.32
CA LEU E 47 -5.68 8.74 16.55
C LEU E 47 -6.29 8.43 17.91
N ILE E 48 -5.69 8.96 18.97
CA ILE E 48 -6.08 8.68 20.34
C ILE E 48 -6.00 9.98 21.13
N TYR E 49 -7.07 10.35 21.80
CA TYR E 49 -7.05 11.52 22.70
C TYR E 49 -7.31 11.04 24.11
N LYS E 50 -7.06 11.90 25.07
CA LYS E 50 -7.13 11.63 26.53
C LYS E 50 -6.59 10.24 26.84
N ALA E 51 -5.35 9.99 26.46
CA ALA E 51 -4.56 8.78 26.74
C ALA E 51 -5.02 7.52 26.01
N SER E 52 -6.27 7.09 26.18
CA SER E 52 -6.67 5.81 25.55
C SER E 52 -8.03 5.91 24.85
N SER E 53 -8.54 7.12 24.64
CA SER E 53 -9.82 7.22 23.96
C SER E 53 -9.56 7.28 22.47
N LEU E 54 -9.96 6.24 21.75
CA LEU E 54 -9.77 6.23 20.31
C LEU E 54 -10.68 7.24 19.65
N GLU E 55 -10.21 7.82 18.55
CA GLU E 55 -11.01 8.73 17.75
C GLU E 55 -11.80 7.92 16.74
N SER E 56 -13.06 8.32 16.54
CA SER E 56 -13.97 7.61 15.64
C SER E 56 -13.35 7.48 14.25
N GLY E 57 -13.24 6.23 13.79
CA GLY E 57 -12.68 5.91 12.49
C GLY E 57 -11.36 5.17 12.56
N VAL E 58 -10.72 5.15 13.72
CA VAL E 58 -9.40 4.53 13.91
C VAL E 58 -9.57 3.05 14.27
N PRO E 59 -8.80 2.14 13.65
CA PRO E 59 -8.97 0.71 13.92
C PRO E 59 -8.72 0.35 15.38
N SER E 60 -9.09 -0.89 15.72
CA SER E 60 -8.99 -1.38 17.09
C SER E 60 -7.57 -1.79 17.47
N ARG E 61 -6.70 -2.03 16.50
CA ARG E 61 -5.34 -2.46 16.79
C ARG E 61 -4.55 -1.36 17.50
N PHE E 62 -4.96 -0.12 17.37
CA PHE E 62 -4.34 0.99 18.07
C PHE E 62 -4.81 1.02 19.52
N SER E 63 -3.87 1.07 20.46
CA SER E 63 -4.20 1.14 21.87
C SER E 63 -3.47 2.31 22.52
N GLY E 64 -3.99 2.76 23.63
CA GLY E 64 -3.37 3.83 24.38
C GLY E 64 -3.40 3.52 25.86
N SER E 65 -2.35 3.97 26.55
CA SER E 65 -2.24 3.74 27.97
C SER E 65 -1.24 4.75 28.54
N GLY E 66 -1.45 5.11 29.80
CA GLY E 66 -0.54 6.00 30.50
C GLY E 66 -1.29 7.01 31.34
N SER E 67 -0.59 7.54 32.34
CA SER E 67 -1.13 8.56 33.23
C SER E 67 0.05 9.28 33.88
N GLY E 68 -0.08 10.59 34.05
CA GLY E 68 0.97 11.35 34.71
C GLY E 68 2.06 11.77 33.75
N THR E 69 3.09 10.95 33.61
CA THR E 69 4.28 11.29 32.83
C THR E 69 4.54 10.36 31.66
N GLU E 70 4.38 9.06 31.84
CA GLU E 70 4.81 8.07 30.86
C GLU E 70 3.59 7.48 30.18
N PHE E 71 3.55 7.60 28.85
CA PHE E 71 2.42 7.13 28.06
C PHE E 71 2.91 6.22 26.95
N THR E 72 1.99 5.41 26.41
CA THR E 72 2.36 4.48 25.36
C THR E 72 1.28 4.42 24.29
N LEU E 73 1.72 4.23 23.05
CA LEU E 73 0.84 3.93 21.92
C LEU E 73 1.18 2.52 21.45
N THR E 74 0.16 1.68 21.31
CA THR E 74 0.37 0.26 21.02
C THR E 74 -0.44 -0.16 19.80
N ILE E 75 0.20 -0.91 18.92
CA ILE E 75 -0.41 -1.47 17.72
C ILE E 75 -0.34 -3.00 17.82
N SER E 76 -1.52 -3.65 17.86
CA SER E 76 -1.57 -5.09 18.03
C SER E 76 -0.83 -5.82 16.91
N SER E 77 -1.07 -5.42 15.66
CA SER E 77 -0.45 -6.06 14.51
C SER E 77 -0.15 -5.00 13.46
N LEU E 78 1.14 -4.73 13.24
CA LEU E 78 1.53 -3.71 12.28
C LEU E 78 1.00 -4.06 10.91
N GLN E 79 0.43 -3.06 10.21
CA GLN E 79 -0.14 -3.29 8.88
C GLN E 79 0.48 -2.32 7.87
N PRO E 80 0.35 -2.57 6.56
CA PRO E 80 1.11 -1.78 5.57
C PRO E 80 0.71 -0.32 5.46
N ASP E 81 -0.41 0.12 6.04
CA ASP E 81 -0.75 1.52 6.05
C ASP E 81 -0.51 2.16 7.40
N ASP E 82 0.09 1.41 8.33
CA ASP E 82 0.42 1.90 9.66
C ASP E 82 1.85 2.45 9.73
N PHE E 83 2.62 2.32 8.66
CA PHE E 83 3.97 2.87 8.60
C PHE E 83 3.87 4.37 8.39
N ALA E 84 4.19 5.13 9.43
CA ALA E 84 4.19 6.58 9.35
C ALA E 84 5.00 7.13 10.52
N THR E 85 5.12 8.45 10.59
CA THR E 85 5.72 9.07 11.75
C THR E 85 4.61 9.48 12.70
N TYR E 86 4.80 9.20 13.98
CA TYR E 86 3.76 9.39 14.99
C TYR E 86 4.21 10.46 15.96
N TYR E 87 3.37 11.47 16.15
CA TYR E 87 3.70 12.56 17.06
C TYR E 87 2.84 12.45 18.32
N CYS E 88 3.41 12.91 19.42
CA CYS E 88 2.79 12.89 20.73
C CYS E 88 2.49 14.32 21.14
N GLN E 89 1.32 14.59 21.68
CA GLN E 89 1.01 15.99 22.08
C GLN E 89 0.41 16.03 23.49
N GLN E 90 0.84 16.95 24.34
CA GLN E 90 0.22 17.06 25.68
C GLN E 90 -0.72 18.24 25.65
N TYR E 91 -1.97 18.06 26.06
CA TYR E 91 -2.88 19.21 26.05
C TYR E 91 -3.24 19.55 27.48
N ASN E 92 -2.28 19.39 28.39
CA ASN E 92 -2.44 19.75 29.79
C ASN E 92 -2.45 21.26 29.96
N SER E 93 -1.45 21.94 29.39
CA SER E 93 -1.35 23.38 29.51
C SER E 93 -0.82 23.95 28.20
N TYR E 94 -0.87 25.27 28.11
CA TYR E 94 -0.38 25.92 26.89
C TYR E 94 0.97 26.57 27.11
N PRO E 95 1.90 26.53 26.14
CA PRO E 95 1.62 26.13 24.79
C PRO E 95 1.57 24.64 24.50
N TRP E 96 0.64 24.27 23.60
CA TRP E 96 0.41 22.86 23.19
C TRP E 96 1.69 22.36 22.54
N THR E 97 2.44 21.51 23.24
CA THR E 97 3.72 21.06 22.69
C THR E 97 3.57 19.65 22.17
N PHE E 98 4.45 19.34 21.22
CA PHE E 98 4.49 18.05 20.52
C PHE E 98 5.79 17.30 20.76
N GLY E 99 5.88 15.99 20.43
CA GLY E 99 7.11 15.25 20.54
C GLY E 99 7.95 15.44 19.29
N GLN E 100 9.06 14.73 19.24
CA GLN E 100 9.96 14.88 18.09
C GLN E 100 9.53 14.00 16.93
N GLY E 101 8.66 13.02 17.17
CA GLY E 101 8.17 12.12 16.16
C GLY E 101 8.70 10.71 16.36
N THR E 102 8.08 9.77 15.66
CA THR E 102 8.53 8.38 15.71
C THR E 102 8.17 7.72 14.38
N LYS E 103 9.18 7.35 13.61
CA LYS E 103 8.96 6.75 12.29
C LYS E 103 9.04 5.24 12.42
N VAL E 104 7.95 4.56 12.10
CA VAL E 104 7.96 3.10 12.05
C VAL E 104 8.22 2.71 10.59
N GLU E 105 9.26 1.90 10.40
CA GLU E 105 9.77 1.50 9.11
C GLU E 105 9.74 -0.01 8.97
N ILE E 106 10.03 -0.48 7.76
CA ILE E 106 10.02 -1.92 7.48
C ILE E 106 11.36 -2.49 7.90
N LYS E 107 11.30 -3.48 8.79
CA LYS E 107 12.48 -4.24 9.16
C LYS E 107 12.81 -5.23 8.06
N ARG E 108 14.10 -5.41 7.81
CA ARG E 108 14.56 -6.33 6.78
C ARG E 108 15.98 -6.72 7.10
N THR E 109 16.49 -7.70 6.35
CA THR E 109 17.86 -8.14 6.52
C THR E 109 18.81 -6.97 6.28
N VAL E 110 19.78 -6.79 7.18
CA VAL E 110 20.74 -5.71 7.03
C VAL E 110 21.46 -5.85 5.70
N ALA E 111 21.58 -4.75 4.98
CA ALA E 111 22.20 -4.72 3.66
C ALA E 111 23.27 -3.64 3.64
N ALA E 112 24.46 -4.00 3.18
CA ALA E 112 25.53 -3.02 3.08
C ALA E 112 25.37 -2.23 1.78
N PRO E 113 25.65 -0.93 1.79
CA PRO E 113 25.40 -0.13 0.59
C PRO E 113 26.52 -0.23 -0.42
N SER E 114 26.14 -0.21 -1.70
CA SER E 114 27.11 -0.03 -2.77
C SER E 114 27.49 1.44 -2.81
N VAL E 115 28.78 1.74 -2.66
CA VAL E 115 29.25 3.11 -2.54
C VAL E 115 29.83 3.55 -3.86
N PHE E 116 29.46 4.76 -4.30
CA PHE E 116 29.95 5.32 -5.59
C PHE E 116 30.27 6.80 -5.40
N ILE E 117 31.38 7.26 -6.00
CA ILE E 117 31.77 8.69 -5.87
C ILE E 117 31.82 9.36 -7.23
N PHE E 118 31.36 10.59 -7.39
CA PHE E 118 31.47 11.19 -8.74
C PHE E 118 32.24 12.50 -8.66
N PRO E 119 33.31 12.67 -9.45
CA PRO E 119 34.08 13.87 -9.44
C PRO E 119 33.34 14.94 -10.24
N PRO E 120 33.64 16.23 -10.02
CA PRO E 120 33.00 17.30 -10.71
C PRO E 120 33.02 17.15 -12.23
N SER E 121 31.90 17.50 -12.85
CA SER E 121 31.74 17.43 -14.31
C SER E 121 32.58 18.52 -14.94
N ASP E 122 33.31 18.20 -16.01
CA ASP E 122 34.13 19.18 -16.70
C ASP E 122 33.30 20.39 -17.08
N GLU E 123 32.05 20.13 -17.42
CA GLU E 123 31.12 21.19 -17.81
C GLU E 123 30.98 22.06 -16.58
N GLN E 124 31.07 21.48 -15.40
CA GLN E 124 30.88 22.36 -14.22
C GLN E 124 32.10 23.23 -14.05
N LEU E 125 33.30 22.66 -13.86
CA LEU E 125 34.52 23.44 -13.56
C LEU E 125 34.67 24.64 -14.49
N LYS E 126 34.07 24.60 -15.67
CA LYS E 126 34.12 25.83 -16.48
C LYS E 126 33.27 26.94 -15.87
N SER E 127 32.06 26.59 -15.40
CA SER E 127 31.15 27.57 -14.83
C SER E 127 31.80 28.37 -13.70
N GLY E 128 32.45 27.69 -12.77
CA GLY E 128 33.12 28.40 -11.69
C GLY E 128 33.12 27.71 -10.34
N THR E 129 32.40 26.60 -10.21
CA THR E 129 32.36 25.81 -8.99
C THR E 129 32.67 24.35 -9.31
N ALA E 130 32.78 23.54 -8.27
CA ALA E 130 33.02 22.11 -8.38
C ALA E 130 32.28 21.40 -7.25
N SER E 131 31.48 20.42 -7.60
CA SER E 131 30.70 19.72 -6.56
C SER E 131 30.95 18.23 -6.68
N VAL E 132 31.39 17.62 -5.60
CA VAL E 132 31.66 16.16 -5.50
C VAL E 132 30.39 15.50 -4.98
N VAL E 133 30.10 14.28 -5.39
CA VAL E 133 28.86 13.62 -4.93
C VAL E 133 29.24 12.22 -4.49
N CYS E 134 28.76 11.81 -3.34
CA CYS E 134 28.98 10.50 -2.73
C CYS E 134 27.64 9.79 -2.67
N LEU E 135 27.54 8.61 -3.30
CA LEU E 135 26.30 7.88 -3.36
C LEU E 135 26.43 6.56 -2.59
N LEU E 136 25.44 6.29 -1.74
CA LEU E 136 25.29 5.02 -1.05
C LEU E 136 24.00 4.39 -1.53
N ASN E 137 24.06 3.17 -2.04
CA ASN E 137 22.91 2.58 -2.69
C ASN E 137 22.40 1.38 -1.92
N ASN E 138 21.08 1.36 -1.68
CA ASN E 138 20.34 0.21 -1.17
C ASN E 138 21.00 -0.41 0.08
N PHE E 139 20.96 0.36 1.17
CA PHE E 139 21.43 -0.09 2.46
C PHE E 139 20.29 -0.11 3.48
N TYR E 140 20.49 -0.88 4.54
CA TYR E 140 19.58 -0.93 5.67
C TYR E 140 20.41 -1.29 6.91
N PRO E 141 20.13 -0.68 8.07
CA PRO E 141 19.16 0.38 8.36
C PRO E 141 19.54 1.77 7.83
N ARG E 142 18.64 2.73 8.03
CA ARG E 142 18.86 4.10 7.61
C ARG E 142 20.13 4.69 8.20
N GLU E 143 20.44 4.34 9.45
CA GLU E 143 21.61 4.87 10.14
C GLU E 143 22.89 4.68 9.35
N ALA E 144 23.50 5.79 8.93
CA ALA E 144 24.73 5.78 8.16
C ALA E 144 25.48 7.07 8.47
N LYS E 145 26.77 7.09 8.15
CA LYS E 145 27.60 8.26 8.47
C LYS E 145 28.55 8.49 7.32
N VAL E 146 28.33 9.57 6.57
CA VAL E 146 29.23 9.98 5.48
C VAL E 146 30.09 11.13 5.98
N GLN E 147 31.37 11.10 5.62
CA GLN E 147 32.31 12.14 6.00
C GLN E 147 33.18 12.44 4.79
N TRP E 148 33.30 13.71 4.44
CA TRP E 148 34.14 14.11 3.32
C TRP E 148 35.55 14.43 3.82
N LYS E 149 36.54 13.86 3.15
CA LYS E 149 37.95 14.08 3.45
C LYS E 149 38.62 14.62 2.21
N VAL E 150 39.16 15.84 2.31
CA VAL E 150 39.98 16.41 1.24
C VAL E 150 41.42 16.32 1.72
N ASP E 151 42.22 15.52 1.02
CA ASP E 151 43.58 15.20 1.43
C ASP E 151 43.59 14.71 2.88
N ASN E 152 42.68 13.78 3.18
CA ASN E 152 42.54 13.19 4.51
C ASN E 152 42.31 14.25 5.59
N ALA E 153 41.56 15.29 5.25
CA ALA E 153 41.17 16.33 6.19
C ALA E 153 39.66 16.38 6.27
N LEU E 154 39.12 16.34 7.49
CA LEU E 154 37.68 16.27 7.65
C LEU E 154 37.06 17.62 7.30
N GLN E 155 36.02 17.56 6.49
CA GLN E 155 35.32 18.78 6.03
C GLN E 155 34.05 18.93 6.86
N SER E 156 33.55 20.15 6.99
CA SER E 156 32.33 20.33 7.78
C SER E 156 31.72 21.63 7.30
N GLY E 157 30.43 21.62 7.02
CA GLY E 157 29.83 22.85 6.49
C GLY E 157 30.45 23.08 5.15
N ASN E 158 30.27 22.10 4.25
CA ASN E 158 30.78 22.13 2.85
C ASN E 158 30.01 21.08 2.07
N SER E 159 29.40 20.13 2.78
CA SER E 159 28.57 19.03 2.20
C SER E 159 27.12 19.13 2.63
N GLN E 160 26.22 18.54 1.81
CA GLN E 160 24.77 18.53 1.99
C GLN E 160 24.29 17.15 1.57
N GLU E 161 23.56 16.48 2.45
CA GLU E 161 23.11 15.14 2.17
C GLU E 161 21.59 15.09 2.15
N SER E 162 21.09 14.05 1.50
CA SER E 162 19.66 13.84 1.32
C SER E 162 19.42 12.34 1.22
N VAL E 163 18.35 11.88 1.85
CA VAL E 163 18.00 10.46 1.88
C VAL E 163 16.62 10.26 1.28
N THR E 164 16.49 9.20 0.49
CA THR E 164 15.21 8.86 -0.12
C THR E 164 14.33 8.13 0.87
N GLU E 165 13.04 8.03 0.54
CA GLU E 165 12.14 7.24 1.35
C GLU E 165 12.48 5.76 1.17
N GLN E 166 12.08 4.95 2.15
CA GLN E 166 12.32 3.52 2.07
C GLN E 166 11.72 2.98 0.77
N ASP E 167 12.54 2.26 0.01
CA ASP E 167 12.08 1.77 -1.29
C ASP E 167 10.95 0.78 -1.12
N SER E 168 10.06 0.75 -2.10
CA SER E 168 8.86 -0.07 -1.98
C SER E 168 9.11 -1.52 -2.36
N LYS E 169 10.12 -1.81 -3.19
CA LYS E 169 10.33 -3.18 -3.63
C LYS E 169 11.28 -3.95 -2.71
N ASP E 170 12.35 -3.31 -2.21
CA ASP E 170 13.34 -3.99 -1.38
C ASP E 170 13.53 -3.34 0.00
N SER E 171 12.73 -2.32 0.34
CA SER E 171 12.78 -1.69 1.67
C SER E 171 14.19 -1.25 2.04
N THR E 172 14.89 -0.63 1.08
CA THR E 172 16.24 -0.14 1.29
C THR E 172 16.28 1.38 1.16
N TYR E 173 17.37 1.96 1.66
CA TYR E 173 17.60 3.39 1.57
C TYR E 173 18.74 3.69 0.61
N SER E 174 18.80 4.95 0.18
CA SER E 174 19.92 5.43 -0.60
C SER E 174 20.04 6.94 -0.36
N LEU E 175 21.25 7.40 -0.08
CA LEU E 175 21.48 8.80 0.21
C LEU E 175 22.64 9.31 -0.64
N SER E 176 22.59 10.60 -0.98
CA SER E 176 23.63 11.23 -1.78
C SER E 176 24.17 12.44 -1.03
N SER E 177 25.48 12.45 -0.80
CA SER E 177 26.13 13.58 -0.17
C SER E 177 26.83 14.40 -1.24
N THR E 178 26.68 15.71 -1.17
CA THR E 178 27.20 16.61 -2.20
C THR E 178 28.19 17.55 -1.53
N LEU E 179 29.47 17.37 -1.82
CA LEU E 179 30.52 18.22 -1.30
C LEU E 179 30.81 19.28 -2.35
N THR E 180 30.56 20.54 -2.01
CA THR E 180 30.65 21.64 -2.97
C THR E 180 31.65 22.67 -2.48
N LEU E 181 32.65 22.96 -3.30
CA LEU E 181 33.62 24.02 -3.06
C LEU E 181 33.78 24.82 -4.34
N SER E 182 34.42 25.98 -4.22
CA SER E 182 34.70 26.81 -5.38
C SER E 182 35.78 26.18 -6.25
N LYS E 183 35.78 26.56 -7.53
CA LYS E 183 36.83 26.09 -8.43
C LYS E 183 38.20 26.51 -7.92
N ALA E 184 38.29 27.68 -7.29
CA ALA E 184 39.54 28.14 -6.70
C ALA E 184 40.05 27.13 -5.68
N ASP E 185 39.24 26.85 -4.65
CA ASP E 185 39.72 25.88 -3.62
C ASP E 185 39.60 24.48 -4.19
N TYR E 186 38.95 24.33 -5.33
CA TYR E 186 38.94 22.96 -5.85
C TYR E 186 40.37 22.70 -6.29
N GLU E 187 40.86 23.60 -7.17
CA GLU E 187 42.20 23.59 -7.79
C GLU E 187 43.27 23.86 -6.74
N LYS E 188 43.04 23.42 -5.50
CA LYS E 188 44.02 23.62 -4.39
C LYS E 188 44.28 22.28 -3.69
N HIS E 189 43.36 21.32 -3.85
CA HIS E 189 43.50 19.98 -3.23
C HIS E 189 43.97 18.97 -4.28
N LYS E 190 43.73 17.68 -4.04
CA LYS E 190 44.15 16.61 -4.99
C LYS E 190 43.43 15.31 -4.64
N VAL E 191 43.43 14.93 -3.36
CA VAL E 191 42.77 13.67 -2.91
C VAL E 191 41.36 14.00 -2.39
N TYR E 192 40.34 13.37 -2.97
CA TYR E 192 38.94 13.58 -2.55
C TYR E 192 38.35 12.25 -2.12
N ALA E 193 37.75 12.16 -0.94
CA ALA E 193 37.19 10.86 -0.55
C ALA E 193 36.11 11.02 0.50
N CYS E 194 35.08 10.20 0.40
CA CYS E 194 34.03 10.14 1.41
C CYS E 194 34.09 8.79 2.08
N GLU E 195 34.32 8.75 3.38
CA GLU E 195 34.29 7.49 4.11
C GLU E 195 32.90 7.27 4.67
N VAL E 196 32.40 6.05 4.52
CA VAL E 196 31.05 5.70 4.90
C VAL E 196 31.12 4.57 5.92
N THR E 197 30.54 4.80 7.10
CA THR E 197 30.52 3.81 8.15
C THR E 197 29.07 3.36 8.34
N HIS E 198 28.80 2.09 8.10
CA HIS E 198 27.45 1.57 8.16
C HIS E 198 27.37 0.40 9.15
N GLN E 199 26.14 0.01 9.47
CA GLN E 199 25.89 -1.08 10.39
C GLN E 199 26.10 -2.45 9.76
N GLY E 200 26.19 -2.53 8.44
CA GLY E 200 26.39 -3.80 7.76
C GLY E 200 27.75 -3.84 7.10
N LEU E 201 28.65 -2.99 7.58
CA LEU E 201 30.03 -2.94 7.13
C LEU E 201 30.94 -3.32 8.28
N SER E 202 31.86 -4.26 8.03
CA SER E 202 32.78 -4.69 9.08
C SER E 202 33.64 -3.52 9.53
N SER E 203 34.16 -2.74 8.59
CA SER E 203 35.00 -1.57 8.85
C SER E 203 34.68 -0.49 7.81
N PRO E 204 34.87 0.78 8.18
CA PRO E 204 34.53 1.89 7.26
C PRO E 204 35.14 1.71 5.87
N VAL E 205 34.31 2.00 4.86
CA VAL E 205 34.68 1.92 3.45
C VAL E 205 34.97 3.32 2.97
N THR E 206 36.09 3.51 2.26
CA THR E 206 36.54 4.84 1.76
C THR E 206 36.71 4.74 0.27
N LYS E 207 35.93 5.49 -0.52
CA LYS E 207 36.00 5.46 -2.01
C LYS E 207 36.48 6.83 -2.46
N SER E 208 37.67 6.90 -3.05
CA SER E 208 38.26 8.21 -3.38
C SER E 208 38.67 8.33 -4.83
N PHE E 209 39.26 9.48 -5.12
CA PHE E 209 39.74 9.79 -6.47
C PHE E 209 40.73 10.94 -6.34
N ASN E 210 41.75 10.99 -7.18
CA ASN E 210 42.78 12.05 -7.11
C ASN E 210 42.53 12.98 -8.29
N ARG E 211 42.37 14.28 -8.00
CA ARG E 211 42.06 15.39 -8.93
C ARG E 211 42.38 15.11 -10.42
N GLY E 212 43.64 14.79 -10.73
CA GLY E 212 44.10 14.61 -12.12
C GLY E 212 43.17 13.79 -12.97
N SER F 7 -10.51 42.09 28.44
CA SER F 7 -9.27 42.16 27.67
C SER F 7 -8.38 40.96 27.94
N TYR F 8 -8.98 39.90 28.49
CA TYR F 8 -8.27 38.70 28.86
C TYR F 8 -8.77 37.52 28.03
N SER F 9 -7.92 36.53 27.84
CA SER F 9 -8.29 35.30 27.17
C SER F 9 -8.71 34.27 28.20
N LEU F 10 -9.41 33.22 27.74
CA LEU F 10 -9.90 32.17 28.65
C LEU F 10 -8.72 31.33 29.16
N CYS F 11 -8.83 30.82 30.39
CA CYS F 11 -7.80 29.98 30.98
C CYS F 11 -7.70 28.65 30.24
N THR F 12 -6.47 28.17 30.01
CA THR F 12 -6.26 26.94 29.21
C THR F 12 -5.79 25.75 30.06
N ALA F 13 -5.65 25.93 31.38
CA ALA F 13 -5.19 24.83 32.22
C ALA F 13 -6.42 24.12 32.80
N ALA F 14 -6.19 23.28 33.81
CA ALA F 14 -7.27 22.48 34.39
C ALA F 14 -7.72 23.09 35.72
N PHE F 15 -9.01 22.97 36.00
CA PHE F 15 -9.60 23.45 37.24
C PHE F 15 -9.93 22.29 38.15
N THR F 16 -10.06 22.57 39.44
CA THR F 16 -10.37 21.57 40.43
C THR F 16 -11.24 22.19 41.52
N PHE F 17 -12.15 21.39 42.09
CA PHE F 17 -13.01 21.85 43.18
C PHE F 17 -12.31 21.69 44.53
N THR F 18 -12.41 22.73 45.36
CA THR F 18 -11.91 22.65 46.73
C THR F 18 -13.01 22.75 47.78
N LYS F 19 -14.17 23.31 47.48
CA LYS F 19 -15.29 23.31 48.43
C LYS F 19 -16.61 23.35 47.70
N ILE F 20 -17.58 22.58 48.19
CA ILE F 20 -18.91 22.58 47.60
C ILE F 20 -19.96 22.57 48.69
N PRO F 21 -21.08 23.31 48.56
CA PRO F 21 -22.08 23.38 49.65
C PRO F 21 -23.12 22.26 49.68
N ALA F 22 -24.20 22.46 50.45
CA ALA F 22 -25.32 21.48 50.59
C ALA F 22 -26.70 22.16 50.62
N GLU F 23 -27.18 22.58 49.45
CA GLU F 23 -28.46 23.29 49.14
C GLU F 23 -28.42 24.81 49.43
N THR F 24 -27.52 25.24 50.31
CA THR F 24 -27.29 26.65 50.75
C THR F 24 -28.64 27.37 50.80
N LEU F 25 -29.59 26.84 51.58
CA LEU F 25 -30.93 27.44 51.81
C LEU F 25 -31.50 28.12 50.55
N HIS F 26 -31.76 29.43 50.63
CA HIS F 26 -32.37 30.29 49.57
C HIS F 26 -31.98 29.93 48.13
N GLY F 27 -30.82 29.31 47.92
CA GLY F 27 -30.51 28.85 46.55
C GLY F 27 -29.26 29.41 45.91
N THR F 28 -28.50 30.23 46.60
CA THR F 28 -27.27 30.72 45.96
C THR F 28 -26.17 29.74 46.33
N VAL F 29 -25.28 29.46 45.39
CA VAL F 29 -24.20 28.47 45.66
C VAL F 29 -22.89 29.20 45.60
N THR F 30 -21.98 28.91 46.52
CA THR F 30 -20.64 29.49 46.40
C THR F 30 -19.71 28.29 46.46
N VAL F 31 -18.96 28.06 45.38
CA VAL F 31 -18.05 26.95 45.20
C VAL F 31 -16.65 27.54 45.12
N GLU F 32 -15.67 26.78 45.59
CA GLU F 32 -14.29 27.20 45.51
C GLU F 32 -13.55 26.28 44.57
N VAL F 33 -12.83 26.87 43.63
CA VAL F 33 -12.03 26.13 42.68
C VAL F 33 -10.58 26.60 42.83
N GLN F 34 -9.67 25.79 42.32
CA GLN F 34 -8.24 26.08 42.37
C GLN F 34 -7.64 25.84 41.00
N TYR F 35 -7.12 26.90 40.40
CA TYR F 35 -6.58 26.87 39.05
C TYR F 35 -5.10 26.51 39.11
N ALA F 36 -4.77 25.32 38.61
CA ALA F 36 -3.39 24.86 38.52
C ALA F 36 -2.92 25.24 37.12
N GLY F 37 -2.46 26.47 36.96
CA GLY F 37 -2.08 26.97 35.65
C GLY F 37 -1.36 28.30 35.80
N THR F 38 -0.38 28.55 34.94
CA THR F 38 0.50 29.69 35.10
C THR F 38 0.35 30.73 34.00
N ASP F 39 -0.80 30.77 33.33
CA ASP F 39 -1.02 31.73 32.25
C ASP F 39 -1.86 32.92 32.69
N GLY F 40 -2.10 33.09 33.99
CA GLY F 40 -2.84 34.21 34.51
C GLY F 40 -2.19 35.53 34.15
N PRO F 41 -3.00 36.57 33.92
CA PRO F 41 -4.46 36.59 34.12
C PRO F 41 -5.28 36.13 32.93
N CYS F 42 -6.28 35.31 33.24
CA CYS F 42 -7.24 34.80 32.26
C CYS F 42 -8.67 34.70 32.76
N LYS F 43 -9.62 34.67 31.83
CA LYS F 43 -11.01 34.53 32.27
C LYS F 43 -11.45 33.18 32.77
N VAL F 44 -12.04 33.14 33.96
CA VAL F 44 -12.45 31.91 34.60
C VAL F 44 -13.76 31.55 33.91
N PRO F 45 -13.81 30.48 33.13
CA PRO F 45 -15.05 30.10 32.47
C PRO F 45 -15.97 29.37 33.44
N ALA F 46 -17.08 30.01 33.79
CA ALA F 46 -18.04 29.44 34.72
C ALA F 46 -19.45 29.61 34.18
N GLN F 47 -20.26 28.60 34.32
CA GLN F 47 -21.66 28.64 33.86
C GLN F 47 -22.33 27.37 34.35
N MET F 48 -23.64 27.34 34.36
CA MET F 48 -24.25 26.07 34.78
C MET F 48 -25.01 25.52 33.59
N ALA F 49 -25.29 24.24 33.62
CA ALA F 49 -26.00 23.68 32.46
C ALA F 49 -26.85 22.58 33.03
N VAL F 50 -28.12 22.57 32.69
CA VAL F 50 -29.07 21.55 33.21
C VAL F 50 -29.32 20.51 32.14
N MET F 52 -27.82 19.54 29.39
CA MET F 52 -27.99 20.11 28.03
C MET F 52 -27.47 19.15 26.96
N GLN F 53 -26.21 18.72 27.11
CA GLN F 53 -25.47 17.88 26.11
C GLN F 53 -25.38 18.71 24.82
N THR F 54 -25.06 20.00 24.99
CA THR F 54 -24.97 21.05 23.95
C THR F 54 -24.56 22.35 24.65
N LEU F 55 -24.32 22.27 25.98
CA LEU F 55 -23.90 23.45 26.80
C LEU F 55 -24.88 24.61 26.59
N THR F 56 -26.12 24.47 27.06
CA THR F 56 -27.15 25.54 26.93
C THR F 56 -27.13 26.42 28.19
N PRO F 57 -27.00 27.76 28.05
CA PRO F 57 -26.98 28.66 29.20
C PRO F 57 -28.22 28.49 30.10
N VAL F 58 -28.01 28.51 31.42
CA VAL F 58 -29.12 28.35 32.42
C VAL F 58 -28.60 28.77 33.80
N GLY F 59 -29.34 29.64 34.49
CA GLY F 59 -28.92 30.12 35.81
C GLY F 59 -28.13 31.39 35.70
N ARG F 60 -27.97 32.08 36.82
CA ARG F 60 -27.26 33.37 36.75
C ARG F 60 -25.87 33.27 37.38
N LEU F 61 -24.86 33.71 36.65
CA LEU F 61 -23.51 33.75 37.17
C LEU F 61 -23.31 35.04 37.97
N ILE F 62 -23.30 34.91 39.29
CA ILE F 62 -23.29 36.10 40.14
C ILE F 62 -21.95 36.82 40.08
N THR F 63 -20.85 36.09 40.28
CA THR F 63 -19.53 36.73 40.28
C THR F 63 -19.30 37.43 38.94
N ALA F 64 -19.05 38.74 38.99
CA ALA F 64 -18.89 39.57 37.80
C ALA F 64 -17.50 39.36 37.21
N ASN F 65 -17.43 38.97 35.91
CA ASN F 65 -16.18 38.77 35.17
C ASN F 65 -15.07 38.16 36.02
N PRO F 66 -15.21 36.90 36.44
CA PRO F 66 -14.18 36.28 37.28
C PRO F 66 -12.89 36.08 36.49
N VAL F 67 -11.77 36.46 37.09
CA VAL F 67 -10.47 36.39 36.45
C VAL F 67 -9.44 35.88 37.45
N ILE F 68 -8.60 34.94 37.01
CA ILE F 68 -7.48 34.47 37.81
C ILE F 68 -6.38 35.53 37.70
N THR F 69 -6.22 36.34 38.73
CA THR F 69 -5.32 37.47 38.68
C THR F 69 -3.87 37.09 38.98
N GLU F 70 -3.54 35.82 39.14
CA GLU F 70 -2.18 35.44 39.49
C GLU F 70 -1.62 34.43 38.51
N SER F 71 -0.30 34.50 38.30
CA SER F 71 0.41 33.52 37.50
C SER F 71 1.02 32.43 38.36
N THR F 72 0.95 32.58 39.67
CA THR F 72 1.53 31.58 40.56
C THR F 72 0.60 30.39 40.61
N GLU F 73 1.19 29.21 40.77
CA GLU F 73 0.42 27.99 40.64
C GLU F 73 -0.65 27.90 41.73
N ASN F 74 -1.67 27.10 41.42
CA ASN F 74 -2.78 26.75 42.32
C ASN F 74 -3.34 27.98 43.02
N SER F 75 -3.79 28.93 42.20
CA SER F 75 -4.48 30.08 42.74
C SER F 75 -5.91 29.68 43.08
N LYS F 76 -6.41 30.22 44.19
CA LYS F 76 -7.75 29.89 44.66
C LYS F 76 -8.69 31.06 44.39
N MET F 77 -9.98 30.73 44.30
CA MET F 77 -10.97 31.72 43.88
C MET F 77 -12.38 31.30 44.28
N MET F 78 -13.16 32.27 44.74
CA MET F 78 -14.54 32.06 45.17
C MET F 78 -15.53 32.48 44.08
N LEU F 79 -16.49 31.61 43.79
CA LEU F 79 -17.49 31.82 42.73
C LEU F 79 -18.90 31.61 43.27
N GLU F 80 -19.82 32.48 42.89
CA GLU F 80 -21.21 32.40 43.32
C GLU F 80 -22.13 32.26 42.11
N LEU F 81 -23.06 31.32 42.14
CA LEU F 81 -23.96 31.14 40.98
C LEU F 81 -25.41 30.96 41.42
N ASP F 82 -26.34 31.14 40.49
CA ASP F 82 -27.79 31.04 40.78
C ASP F 82 -28.37 29.89 39.98
N PRO F 83 -28.41 28.68 40.54
CA PRO F 83 -28.92 27.53 39.84
C PRO F 83 -30.42 27.53 39.64
N PRO F 84 -30.92 26.88 38.58
CA PRO F 84 -32.36 26.78 38.33
C PRO F 84 -33.07 25.52 38.84
N PHE F 85 -33.47 25.53 40.12
CA PHE F 85 -34.14 24.46 40.91
C PHE F 85 -34.44 23.15 40.18
N GLY F 86 -33.53 22.18 40.27
CA GLY F 86 -33.74 20.87 39.62
C GLY F 86 -32.59 20.48 38.70
N ASP F 87 -31.83 19.46 39.11
CA ASP F 87 -30.68 18.82 38.40
C ASP F 87 -29.98 19.76 37.43
N SER F 88 -29.08 20.62 37.93
CA SER F 88 -28.32 21.56 37.06
C SER F 88 -26.82 21.40 37.30
N TYR F 89 -26.06 20.97 36.28
CA TYR F 89 -24.62 20.80 36.42
C TYR F 89 -23.91 22.14 36.62
N ILE F 90 -22.84 22.10 37.39
CA ILE F 90 -22.00 23.28 37.64
C ILE F 90 -20.76 23.12 36.76
N VAL F 91 -20.70 23.86 35.65
CA VAL F 91 -19.57 23.75 34.73
C VAL F 91 -18.53 24.81 35.09
N ILE F 92 -17.28 24.38 35.22
CA ILE F 92 -16.16 25.27 35.48
C ILE F 92 -15.08 24.97 34.46
N GLY F 93 -14.73 25.98 33.68
CA GLY F 93 -13.72 25.81 32.64
C GLY F 93 -14.36 25.57 31.30
N VAL F 94 -13.55 25.38 30.26
CA VAL F 94 -14.05 25.16 28.87
C VAL F 94 -13.05 24.26 28.15
N GLY F 95 -13.54 23.30 27.37
CA GLY F 95 -12.58 22.39 26.72
C GLY F 95 -12.72 20.98 27.18
N GLU F 96 -11.59 20.28 27.26
CA GLU F 96 -11.60 18.86 27.59
C GLU F 96 -11.47 18.68 29.09
N LYS F 97 -10.93 19.68 29.76
CA LYS F 97 -10.70 19.60 31.20
C LYS F 97 -11.82 20.34 31.91
N LYS F 98 -12.99 20.30 31.30
CA LYS F 98 -14.18 20.90 31.91
C LYS F 98 -14.49 20.00 33.09
N ILE F 99 -14.75 20.59 34.24
CA ILE F 99 -15.18 19.80 35.42
C ILE F 99 -16.61 20.21 35.68
N THR F 100 -17.46 19.26 36.06
CA THR F 100 -18.87 19.50 36.28
C THR F 100 -19.28 18.89 37.61
N HIS F 101 -20.30 19.50 38.19
CA HIS F 101 -20.81 19.00 39.49
C HIS F 101 -22.32 19.09 39.48
N HIS F 102 -23.00 18.03 39.89
CA HIS F 102 -24.49 18.08 39.94
C HIS F 102 -24.91 18.78 41.21
N TRP F 103 -25.82 19.74 41.05
CA TRP F 103 -26.38 20.51 42.20
C TRP F 103 -27.91 20.48 42.12
N HIS F 104 -28.57 20.25 43.26
CA HIS F 104 -30.05 20.19 43.29
C HIS F 104 -30.58 21.41 44.04
N ARG F 105 -31.52 22.15 43.48
CA ARG F 105 -32.02 23.31 44.25
C ARG F 105 -33.50 23.10 44.55
N SER F 106 -33.92 23.39 45.79
CA SER F 106 -35.32 23.26 46.27
C SER F 106 -36.32 23.73 45.21
#